data_2DPY
#
_entry.id   2DPY
#
_cell.length_a   48.160
_cell.length_b   72.750
_cell.length_c   125.740
_cell.angle_alpha   90.00
_cell.angle_beta   94.13
_cell.angle_gamma   90.00
#
_symmetry.space_group_name_H-M   'P 1 21 1'
#
loop_
_entity.id
_entity.type
_entity.pdbx_description
1 polymer 'Flagellum-specific ATP synthase'
2 non-polymer "ADENOSINE-5'-DIPHOSPHATE"
3 water water
#
_entity_poly.entity_id   1
_entity_poly.type   'polypeptide(L)'
_entity_poly.pdbx_seq_one_letter_code
;MALLPAVRRYGRLTRATGLVLEATGLQLPLGATCIIERQDGPETKEVESEVVGFNGQRLFLMPLEEVEGILPGARVYARN
GHGDGLQSGKQLPLGPALLGRVLDGGGKPLDGLPAPDTLETGALITPPFNPLQRTPIEHVLDTGVRAINALLTVGRGQRM
GLFAGSGVGKSVLLGMMARYTRADVIVVGLIGERGREVKDFIENILGPDGRARSVVIAAPADVSPLLRMQGAAYATRIAE
DFRDRGQHVLLIMDSLTRYAMAQREIALAIGEPPATKGYPPSVFAKLPALVERAGNGIHGGGSITAFYTVLTEGDDQQDP
IADSARAILDGHIVLSRRLAEAGHYPAIDIEASISRAMTALITEQHYARVRLFKQLLSSFQRNRDLVSVGAYAKGSDPML
DKAITLWPQLEAFLQQGIFERADWEDSLQALDLIFPTV
;
_entity_poly.pdbx_strand_id   A,B
#
loop_
_chem_comp.id
_chem_comp.type
_chem_comp.name
_chem_comp.formula
ADP non-polymer ADENOSINE-5'-DIPHOSPHATE 'C10 H15 N5 O10 P2'
#
# COMPACT_ATOMS: atom_id res chain seq x y z
N VAL A 7 -1.30 -7.67 9.61
CA VAL A 7 -2.36 -7.25 10.55
C VAL A 7 -2.07 -5.83 11.06
N ARG A 8 -3.13 -5.10 11.41
CA ARG A 8 -2.99 -3.74 11.89
C ARG A 8 -4.04 -3.37 12.93
N ARG A 9 -3.93 -2.16 13.46
CA ARG A 9 -4.90 -1.65 14.41
C ARG A 9 -5.61 -0.56 13.65
N TYR A 10 -6.78 -0.91 13.11
CA TYR A 10 -7.54 0.05 12.33
C TYR A 10 -8.34 1.04 13.14
N GLY A 11 -8.94 1.96 12.40
CA GLY A 11 -9.79 2.99 12.93
C GLY A 11 -10.68 3.19 11.73
N ARG A 12 -11.64 4.09 11.80
CA ARG A 12 -12.48 4.32 10.64
C ARG A 12 -12.95 5.76 10.53
N LEU A 13 -13.07 6.23 9.29
CA LEU A 13 -13.48 7.60 9.02
C LEU A 13 -14.95 7.82 9.33
N THR A 14 -15.21 8.49 10.44
CA THR A 14 -16.59 8.75 10.83
C THR A 14 -17.19 9.92 10.08
N ARG A 15 -16.59 11.10 10.19
CA ARG A 15 -17.14 12.27 9.51
C ARG A 15 -16.25 12.87 8.42
N ALA A 16 -16.91 13.39 7.38
CA ALA A 16 -16.25 14.03 6.26
C ALA A 16 -17.16 15.18 5.82
N THR A 17 -17.19 16.24 6.61
CA THR A 17 -18.02 17.41 6.30
C THR A 17 -17.24 18.62 5.82
N GLY A 18 -15.92 18.50 5.80
CA GLY A 18 -15.10 19.60 5.34
C GLY A 18 -13.69 19.15 5.06
N LEU A 19 -12.76 20.10 4.90
CA LEU A 19 -11.36 19.78 4.63
C LEU A 19 -10.82 18.78 5.65
N VAL A 20 -11.02 19.09 6.93
CA VAL A 20 -10.56 18.25 8.03
C VAL A 20 -11.53 17.08 8.24
N LEU A 21 -10.99 15.87 8.28
CA LEU A 21 -11.81 14.69 8.49
C LEU A 21 -11.72 14.25 9.95
N GLU A 22 -12.52 13.26 10.30
CA GLU A 22 -12.55 12.74 11.67
C GLU A 22 -12.57 11.22 11.61
N ALA A 23 -11.62 10.59 12.30
CA ALA A 23 -11.50 9.14 12.33
C ALA A 23 -11.62 8.62 13.76
N THR A 24 -12.20 7.42 13.90
CA THR A 24 -12.39 6.84 15.22
C THR A 24 -11.79 5.46 15.37
N GLY A 25 -11.36 5.15 16.58
CA GLY A 25 -10.78 3.86 16.86
C GLY A 25 -9.32 3.76 16.49
N LEU A 26 -8.62 4.88 16.58
CA LEU A 26 -7.20 4.92 16.26
C LEU A 26 -6.62 6.14 16.95
N GLN A 27 -5.33 6.08 17.26
CA GLN A 27 -4.67 7.18 17.93
C GLN A 27 -3.20 7.26 17.51
N LEU A 28 -2.86 8.36 16.86
CA LEU A 28 -1.50 8.58 16.39
C LEU A 28 -1.00 9.93 16.91
N PRO A 29 0.32 10.08 17.06
CA PRO A 29 0.88 11.33 17.56
C PRO A 29 0.69 12.47 16.55
N LEU A 30 0.61 13.69 17.05
CA LEU A 30 0.46 14.85 16.18
C LEU A 30 1.52 14.71 15.09
N GLY A 31 1.16 15.04 13.85
CA GLY A 31 2.10 14.91 12.75
C GLY A 31 2.40 13.44 12.53
N ALA A 32 1.65 12.81 11.66
CA ALA A 32 1.83 11.40 11.34
C ALA A 32 1.00 11.10 10.11
N THR A 33 1.51 10.23 9.24
CA THR A 33 0.80 9.91 8.01
C THR A 33 -0.25 8.81 8.17
N CYS A 34 -1.50 9.21 8.20
CA CYS A 34 -2.61 8.27 8.34
C CYS A 34 -3.17 7.99 6.95
N ILE A 35 -3.47 6.72 6.68
CA ILE A 35 -3.98 6.33 5.37
C ILE A 35 -5.45 5.98 5.36
N ILE A 36 -6.20 6.60 4.46
CA ILE A 36 -7.64 6.35 4.33
C ILE A 36 -7.89 5.52 3.07
N GLU A 37 -8.59 4.41 3.24
CA GLU A 37 -8.88 3.54 2.10
C GLU A 37 -10.13 3.94 1.34
N ARG A 38 -10.05 3.90 0.01
CA ARG A 38 -11.19 4.20 -0.83
C ARG A 38 -11.26 3.08 -1.85
N GLN A 39 -12.47 2.57 -2.09
CA GLN A 39 -12.67 1.47 -3.02
C GLN A 39 -13.00 1.92 -4.45
N ASP A 40 -12.08 1.68 -5.38
CA ASP A 40 -12.31 2.02 -6.77
C ASP A 40 -12.95 0.80 -7.43
N GLY A 41 -14.21 0.56 -7.09
CA GLY A 41 -14.90 -0.58 -7.62
C GLY A 41 -14.54 -1.79 -6.78
N PRO A 42 -13.75 -2.73 -7.32
CA PRO A 42 -13.34 -3.93 -6.59
C PRO A 42 -12.00 -3.72 -5.87
N GLU A 43 -11.08 -3.04 -6.54
CA GLU A 43 -9.76 -2.78 -5.99
C GLU A 43 -9.75 -1.86 -4.77
N THR A 44 -8.56 -1.61 -4.24
CA THR A 44 -8.40 -0.74 -3.09
C THR A 44 -7.20 0.19 -3.26
N LYS A 45 -7.45 1.48 -3.09
CA LYS A 45 -6.40 2.47 -3.21
C LYS A 45 -6.25 3.27 -1.92
N GLU A 46 -5.08 3.85 -1.73
CA GLU A 46 -4.80 4.62 -0.53
C GLU A 46 -4.74 6.13 -0.75
N VAL A 47 -5.32 6.87 0.19
CA VAL A 47 -5.29 8.33 0.14
C VAL A 47 -4.57 8.81 1.40
N GLU A 48 -3.50 9.58 1.20
CA GLU A 48 -2.71 10.08 2.31
C GLU A 48 -3.36 11.24 3.05
N SER A 49 -3.21 11.22 4.38
CA SER A 49 -3.73 12.29 5.23
C SER A 49 -2.67 12.48 6.33
N GLU A 50 -2.80 13.55 7.09
CA GLU A 50 -1.85 13.85 8.15
C GLU A 50 -2.58 14.18 9.44
N VAL A 51 -2.22 13.52 10.53
CA VAL A 51 -2.85 13.76 11.81
C VAL A 51 -2.58 15.20 12.20
N VAL A 52 -3.60 16.03 12.19
CA VAL A 52 -3.43 17.43 12.55
C VAL A 52 -3.98 17.77 13.93
N GLY A 53 -4.29 16.72 14.70
CA GLY A 53 -4.82 16.94 16.04
C GLY A 53 -5.56 15.73 16.59
N PHE A 54 -5.07 15.19 17.70
CA PHE A 54 -5.71 14.04 18.33
C PHE A 54 -6.47 14.54 19.55
N ASN A 55 -6.81 15.83 19.53
CA ASN A 55 -7.54 16.47 20.62
C ASN A 55 -8.60 15.52 21.15
N GLY A 56 -8.66 15.38 22.48
CA GLY A 56 -9.62 14.49 23.10
C GLY A 56 -11.04 14.61 22.60
N GLN A 57 -11.30 14.14 21.39
CA GLN A 57 -12.61 14.19 20.78
C GLN A 57 -12.67 13.24 19.60
N ARG A 58 -11.53 13.04 18.95
CA ARG A 58 -11.43 12.16 17.79
C ARG A 58 -10.08 12.40 17.12
N LEU A 59 -9.78 11.62 16.10
CA LEU A 59 -8.55 11.76 15.35
C LEU A 59 -8.89 12.69 14.19
N PHE A 60 -8.28 13.88 14.17
CA PHE A 60 -8.52 14.85 13.09
C PHE A 60 -7.53 14.62 11.96
N LEU A 61 -8.06 14.36 10.76
CA LEU A 61 -7.21 14.10 9.61
C LEU A 61 -7.34 15.15 8.50
N MET A 62 -6.23 15.48 7.88
CA MET A 62 -6.23 16.45 6.80
C MET A 62 -5.51 15.80 5.62
N PRO A 63 -6.26 15.51 4.55
CA PRO A 63 -5.77 14.87 3.32
C PRO A 63 -4.72 15.62 2.52
N LEU A 64 -3.74 14.87 2.03
CA LEU A 64 -2.69 15.40 1.19
C LEU A 64 -3.12 15.14 -0.25
N GLU A 65 -4.31 14.57 -0.42
CA GLU A 65 -4.86 14.23 -1.73
C GLU A 65 -6.34 14.53 -1.88
N GLU A 66 -6.87 14.11 -3.04
CA GLU A 66 -8.29 14.28 -3.36
C GLU A 66 -8.98 13.18 -2.57
N VAL A 67 -10.16 13.49 -2.01
CA VAL A 67 -10.89 12.51 -1.19
C VAL A 67 -12.17 11.95 -1.79
N GLU A 68 -12.54 12.41 -2.98
CA GLU A 68 -13.74 11.90 -3.63
C GLU A 68 -13.59 10.38 -3.73
N GLY A 69 -14.63 9.65 -3.34
CA GLY A 69 -14.60 8.20 -3.38
C GLY A 69 -14.77 7.53 -2.01
N ILE A 70 -14.06 8.04 -1.01
CA ILE A 70 -14.12 7.51 0.35
C ILE A 70 -15.56 7.26 0.84
N LEU A 71 -15.75 6.10 1.48
CA LEU A 71 -17.06 5.70 2.00
C LEU A 71 -17.17 5.95 3.47
N PRO A 72 -18.40 6.16 3.96
CA PRO A 72 -18.58 6.41 5.40
C PRO A 72 -17.91 5.29 6.17
N GLY A 73 -17.33 5.62 7.32
CA GLY A 73 -16.67 4.61 8.12
C GLY A 73 -15.56 3.87 7.39
N ALA A 74 -14.91 4.52 6.45
CA ALA A 74 -13.81 3.91 5.69
C ALA A 74 -12.67 3.63 6.66
N ARG A 75 -11.96 2.51 6.45
CA ARG A 75 -10.86 2.15 7.34
C ARG A 75 -9.66 3.07 7.24
N VAL A 76 -8.97 3.24 8.37
CA VAL A 76 -7.79 4.09 8.43
C VAL A 76 -6.69 3.48 9.32
N TYR A 77 -5.44 3.59 8.86
CA TYR A 77 -4.32 3.03 9.61
C TYR A 77 -3.02 3.80 9.37
N ALA A 78 -2.03 3.55 10.22
CA ALA A 78 -0.74 4.23 10.13
C ALA A 78 0.20 3.59 9.11
N ARG A 79 1.15 4.39 8.62
CA ARG A 79 2.17 3.98 7.65
C ARG A 79 2.55 5.25 6.97
N LYS A 90 7.73 8.78 9.45
CA LYS A 90 7.86 8.26 8.20
C LYS A 90 9.31 8.30 7.68
N GLN A 91 9.65 7.43 6.73
CA GLN A 91 10.99 7.38 6.17
C GLN A 91 11.01 8.07 4.80
N LEU A 92 12.17 8.57 4.39
CA LEU A 92 12.32 9.25 3.10
C LEU A 92 13.73 9.02 2.54
N PRO A 93 13.87 9.01 1.19
CA PRO A 93 15.16 8.81 0.53
C PRO A 93 16.19 9.88 0.90
N LEU A 94 17.43 9.46 1.07
CA LEU A 94 18.52 10.35 1.45
C LEU A 94 19.84 9.84 0.89
N GLY A 95 20.70 10.75 0.43
CA GLY A 95 21.98 10.33 -0.10
C GLY A 95 22.39 10.93 -1.43
N PRO A 96 23.56 10.55 -1.95
CA PRO A 96 24.08 11.06 -3.24
C PRO A 96 23.12 10.83 -4.38
N ALA A 97 22.27 9.82 -4.25
CA ALA A 97 21.29 9.48 -5.28
C ALA A 97 20.33 10.62 -5.58
N LEU A 98 20.28 11.58 -4.67
CA LEU A 98 19.39 12.73 -4.82
C LEU A 98 19.96 13.80 -5.75
N LEU A 99 21.28 13.81 -5.93
CA LEU A 99 21.92 14.79 -6.83
C LEU A 99 21.36 14.74 -8.25
N GLY A 100 21.07 15.92 -8.80
CA GLY A 100 20.54 16.00 -10.14
C GLY A 100 19.08 15.57 -10.26
N ARG A 101 18.41 15.44 -9.11
CA ARG A 101 17.00 15.02 -9.09
C ARG A 101 16.08 16.14 -8.62
N VAL A 102 14.78 15.97 -8.93
CA VAL A 102 13.74 16.91 -8.57
C VAL A 102 12.59 16.13 -7.94
N LEU A 103 12.50 16.16 -6.61
CA LEU A 103 11.45 15.45 -5.89
C LEU A 103 10.47 16.38 -5.18
N ASP A 104 9.34 15.82 -4.72
CA ASP A 104 8.34 16.60 -3.99
C ASP A 104 8.61 16.40 -2.51
N GLY A 105 7.80 17.01 -1.66
CA GLY A 105 8.00 16.86 -0.23
C GLY A 105 8.11 15.42 0.26
N GLY A 106 7.44 14.51 -0.42
CA GLY A 106 7.49 13.10 -0.03
C GLY A 106 8.64 12.29 -0.62
N GLY A 107 9.30 12.84 -1.63
CA GLY A 107 10.42 12.14 -2.25
C GLY A 107 10.05 11.53 -3.59
N LYS A 108 8.80 11.69 -3.98
CA LYS A 108 8.30 11.18 -5.24
C LYS A 108 9.00 11.97 -6.35
N PRO A 109 9.53 11.30 -7.36
CA PRO A 109 10.20 12.02 -8.44
C PRO A 109 9.23 12.94 -9.19
N LEU A 110 9.72 14.12 -9.56
CA LEU A 110 8.91 15.12 -10.28
C LEU A 110 9.52 15.39 -11.63
N ASP A 111 10.68 14.76 -11.89
CA ASP A 111 11.43 14.95 -13.12
C ASP A 111 11.27 13.86 -14.17
N GLY A 112 10.48 12.85 -13.85
CA GLY A 112 10.28 11.78 -14.81
C GLY A 112 11.05 10.51 -14.49
N LEU A 113 12.22 10.64 -13.88
CA LEU A 113 13.02 9.48 -13.56
C LEU A 113 12.38 8.64 -12.45
N PRO A 114 12.79 7.38 -12.31
CA PRO A 114 12.21 6.54 -11.26
C PRO A 114 12.72 6.99 -9.89
N ALA A 115 11.94 6.74 -8.85
CA ALA A 115 12.34 7.12 -7.50
C ALA A 115 13.84 6.84 -7.28
N PRO A 116 14.54 7.73 -6.55
CA PRO A 116 15.96 7.49 -6.32
C PRO A 116 16.23 6.13 -5.68
N ASP A 117 17.28 5.46 -6.14
CA ASP A 117 17.65 4.15 -5.61
C ASP A 117 18.34 4.34 -4.27
N THR A 118 17.54 4.40 -3.22
CA THR A 118 17.99 4.64 -1.85
C THR A 118 19.02 3.71 -1.22
N LEU A 119 18.54 2.83 -0.33
CA LEU A 119 19.36 1.88 0.43
C LEU A 119 19.74 2.59 1.73
N GLU A 120 19.27 3.83 1.86
CA GLU A 120 19.51 4.68 3.02
C GLU A 120 18.43 5.76 3.07
N THR A 121 17.69 5.80 4.17
CA THR A 121 16.62 6.76 4.34
C THR A 121 16.73 7.46 5.70
N GLY A 122 15.65 8.10 6.13
CA GLY A 122 15.69 8.78 7.41
C GLY A 122 14.46 9.60 7.77
N ALA A 123 14.23 9.77 9.06
CA ALA A 123 13.09 10.55 9.54
C ALA A 123 13.31 12.00 9.16
N LEU A 124 12.22 12.68 8.82
CA LEU A 124 12.29 14.08 8.44
C LEU A 124 12.49 14.99 9.65
N ILE A 125 12.39 14.40 10.84
CA ILE A 125 12.55 15.16 12.08
C ILE A 125 14.02 15.26 12.51
N THR A 126 14.49 14.24 13.24
CA THR A 126 15.87 14.17 13.72
C THR A 126 16.37 15.40 14.51
N PRO A 127 16.70 15.19 15.80
CA PRO A 127 17.20 16.22 16.73
C PRO A 127 18.37 17.03 16.17
N PRO A 128 18.47 18.31 16.55
CA PRO A 128 19.52 19.24 16.11
C PRO A 128 20.72 19.36 17.04
N PHE A 129 21.85 19.79 16.48
CA PHE A 129 23.07 19.99 17.25
C PHE A 129 22.71 20.97 18.35
N ASN A 130 23.35 20.85 19.51
CA ASN A 130 23.07 21.80 20.58
C ASN A 130 23.73 23.08 20.08
N PRO A 131 23.13 24.25 20.35
CA PRO A 131 23.75 25.49 19.88
C PRO A 131 25.09 25.69 20.60
N LEU A 132 25.78 24.59 20.85
CA LEU A 132 27.07 24.59 21.53
C LEU A 132 28.12 23.79 20.77
N GLN A 133 27.72 22.65 20.20
CA GLN A 133 28.62 21.79 19.45
C GLN A 133 28.99 22.33 18.07
N ARG A 134 28.19 23.25 17.54
CA ARG A 134 28.46 23.83 16.23
C ARG A 134 29.76 24.63 16.25
N THR A 135 30.58 24.41 15.23
CA THR A 135 31.85 25.13 15.12
C THR A 135 31.48 26.58 14.74
N PRO A 136 32.22 27.56 15.28
CA PRO A 136 31.96 28.97 14.98
C PRO A 136 32.26 29.37 13.53
N ILE A 137 31.43 30.26 12.97
CA ILE A 137 31.63 30.71 11.60
C ILE A 137 32.97 31.43 11.53
N GLU A 138 33.92 30.86 10.80
CA GLU A 138 35.24 31.46 10.69
C GLU A 138 35.77 31.49 9.26
N HIS A 139 35.12 30.76 8.37
CA HIS A 139 35.52 30.72 6.98
C HIS A 139 34.51 31.40 6.07
N VAL A 140 35.02 32.02 5.02
CA VAL A 140 34.17 32.70 4.06
C VAL A 140 33.64 31.71 3.02
N LEU A 141 32.40 31.92 2.61
CA LEU A 141 31.81 31.09 1.56
C LEU A 141 31.85 31.94 0.29
N ASP A 142 32.49 31.43 -0.76
CA ASP A 142 32.57 32.12 -2.05
C ASP A 142 31.18 32.01 -2.72
N THR A 143 30.44 33.10 -2.75
CA THR A 143 29.10 33.07 -3.35
C THR A 143 29.15 33.21 -4.86
N GLY A 144 30.32 33.56 -5.37
CA GLY A 144 30.48 33.75 -6.81
C GLY A 144 29.78 35.01 -7.24
N VAL A 145 29.32 35.76 -6.25
CA VAL A 145 28.64 37.03 -6.50
C VAL A 145 29.53 38.12 -5.87
N ARG A 146 30.14 38.93 -6.73
CA ARG A 146 31.06 39.99 -6.31
C ARG A 146 30.54 40.93 -5.21
N ALA A 147 29.37 41.50 -5.40
CA ALA A 147 28.80 42.42 -4.41
C ALA A 147 28.72 41.83 -2.99
N ILE A 148 28.34 40.57 -2.90
CA ILE A 148 28.19 39.89 -1.62
C ILE A 148 29.56 39.51 -1.04
N ASN A 149 30.37 38.82 -1.83
CA ASN A 149 31.72 38.42 -1.43
C ASN A 149 32.53 39.61 -0.90
N ALA A 150 32.47 40.72 -1.63
CA ALA A 150 33.22 41.93 -1.30
C ALA A 150 32.68 42.85 -0.22
N LEU A 151 31.37 43.13 -0.26
CA LEU A 151 30.74 44.06 0.69
C LEU A 151 29.82 43.49 1.77
N LEU A 152 29.50 42.20 1.70
CA LEU A 152 28.58 41.56 2.66
C LEU A 152 29.01 40.10 2.81
N THR A 153 30.29 39.90 3.07
CA THR A 153 30.85 38.56 3.15
C THR A 153 30.01 37.59 3.94
N VAL A 154 29.78 36.44 3.33
CA VAL A 154 28.99 35.37 3.92
C VAL A 154 29.90 34.28 4.38
N GLY A 155 29.77 33.91 5.65
CA GLY A 155 30.59 32.86 6.20
C GLY A 155 29.99 31.50 5.98
N ARG A 156 30.81 30.48 6.13
CA ARG A 156 30.34 29.12 5.96
C ARG A 156 29.54 28.76 7.21
N GLY A 157 28.27 28.44 7.03
CA GLY A 157 27.43 28.09 8.16
C GLY A 157 26.59 29.27 8.60
N GLN A 158 26.57 30.31 7.77
CA GLN A 158 25.78 31.49 8.09
C GLN A 158 24.35 31.28 7.59
N ARG A 159 23.41 31.97 8.23
CA ARG A 159 22.01 31.90 7.86
C ARG A 159 21.63 33.27 7.34
N MET A 160 21.39 33.37 6.03
CA MET A 160 21.05 34.65 5.45
C MET A 160 19.62 34.74 4.93
N GLY A 161 19.12 35.97 4.85
CA GLY A 161 17.79 36.19 4.34
C GLY A 161 17.96 36.98 3.06
N LEU A 162 17.03 36.80 2.11
CA LEU A 162 17.06 37.54 0.86
C LEU A 162 15.69 38.21 0.79
N PHE A 163 15.67 39.52 0.96
CA PHE A 163 14.42 40.25 0.98
C PHE A 163 14.15 40.95 -0.33
N ALA A 164 13.10 40.51 -1.00
CA ALA A 164 12.75 41.07 -2.28
C ALA A 164 11.28 40.90 -2.63
N GLY A 165 10.79 41.83 -3.42
CA GLY A 165 9.42 41.77 -3.86
C GLY A 165 9.45 40.99 -5.16
N SER A 166 8.34 40.97 -5.87
CA SER A 166 8.27 40.25 -7.14
C SER A 166 8.85 41.10 -8.27
N GLY A 167 9.50 40.44 -9.22
CA GLY A 167 10.07 41.15 -10.35
C GLY A 167 11.37 41.92 -10.17
N VAL A 168 12.18 41.56 -9.16
CA VAL A 168 13.44 42.28 -8.97
C VAL A 168 14.69 41.44 -9.23
N GLY A 169 14.48 40.18 -9.62
CA GLY A 169 15.60 39.29 -9.91
C GLY A 169 15.98 38.31 -8.83
N LYS A 170 15.09 38.11 -7.87
CA LYS A 170 15.34 37.19 -6.77
C LYS A 170 15.77 35.82 -7.29
N SER A 171 14.97 35.25 -8.19
CA SER A 171 15.25 33.94 -8.77
C SER A 171 16.54 33.86 -9.53
N VAL A 172 16.81 34.88 -10.34
CA VAL A 172 18.05 34.91 -11.10
C VAL A 172 19.26 35.02 -10.17
N LEU A 173 19.07 35.69 -9.02
CA LEU A 173 20.18 35.82 -8.06
C LEU A 173 20.44 34.46 -7.40
N LEU A 174 19.37 33.77 -7.06
CA LEU A 174 19.48 32.45 -6.44
C LEU A 174 20.15 31.51 -7.44
N GLY A 175 19.90 31.76 -8.72
CA GLY A 175 20.48 30.95 -9.77
C GLY A 175 21.98 31.17 -9.88
N MET A 176 22.42 32.41 -9.73
CA MET A 176 23.84 32.69 -9.78
C MET A 176 24.57 32.00 -8.63
N MET A 177 23.98 32.07 -7.43
CA MET A 177 24.59 31.43 -6.27
C MET A 177 24.57 29.92 -6.40
N ALA A 178 23.48 29.38 -6.93
CA ALA A 178 23.35 27.94 -7.10
C ALA A 178 24.32 27.42 -8.15
N ARG A 179 24.83 28.32 -8.98
CA ARG A 179 25.75 27.88 -10.01
C ARG A 179 27.20 28.16 -9.68
N TYR A 180 27.46 29.24 -8.95
CA TYR A 180 28.84 29.65 -8.63
C TYR A 180 29.36 29.47 -7.21
N THR A 181 28.49 29.42 -6.20
CA THR A 181 28.98 29.26 -4.83
C THR A 181 29.89 28.04 -4.78
N ARG A 182 30.95 28.14 -3.98
CA ARG A 182 31.92 27.08 -3.83
C ARG A 182 31.48 26.12 -2.73
N ALA A 183 30.46 25.31 -2.99
CA ALA A 183 29.98 24.36 -2.02
C ALA A 183 30.08 22.98 -2.65
N ASP A 184 29.87 21.94 -1.84
CA ASP A 184 29.91 20.57 -2.32
C ASP A 184 28.56 20.22 -2.93
N VAL A 185 27.50 20.65 -2.25
CA VAL A 185 26.15 20.36 -2.70
C VAL A 185 25.22 21.55 -2.52
N ILE A 186 24.21 21.60 -3.37
CA ILE A 186 23.21 22.64 -3.29
C ILE A 186 21.86 21.95 -3.22
N VAL A 187 21.08 22.32 -2.22
CA VAL A 187 19.75 21.76 -2.11
C VAL A 187 18.83 22.97 -2.16
N VAL A 188 17.85 22.90 -3.04
CA VAL A 188 16.91 24.00 -3.24
C VAL A 188 15.50 23.58 -2.88
N GLY A 189 14.90 24.30 -1.95
CA GLY A 189 13.54 24.05 -1.56
C GLY A 189 12.70 25.14 -2.23
N LEU A 190 11.77 24.73 -3.09
CA LEU A 190 10.90 25.66 -3.79
C LEU A 190 9.52 25.37 -3.17
N ILE A 191 9.24 26.13 -2.12
CA ILE A 191 8.04 25.99 -1.33
C ILE A 191 7.00 27.07 -1.61
N GLY A 192 5.90 26.65 -2.23
CA GLY A 192 4.84 27.59 -2.51
C GLY A 192 5.04 28.53 -3.69
N GLU A 193 6.07 28.29 -4.51
CA GLU A 193 6.28 29.13 -5.68
C GLU A 193 5.33 28.61 -6.77
N ARG A 194 4.90 29.49 -7.67
CA ARG A 194 4.02 29.06 -8.74
C ARG A 194 4.70 28.01 -9.63
N GLY A 195 3.91 27.03 -10.06
CA GLY A 195 4.41 25.97 -10.91
C GLY A 195 5.24 26.38 -12.11
N ARG A 196 4.80 27.35 -12.90
CA ARG A 196 5.62 27.73 -14.04
C ARG A 196 6.94 28.39 -13.64
N GLU A 197 7.00 29.00 -12.46
CA GLU A 197 8.24 29.64 -12.02
C GLU A 197 9.17 28.54 -11.51
N VAL A 198 8.59 27.50 -10.93
CA VAL A 198 9.38 26.38 -10.48
C VAL A 198 10.04 25.78 -11.74
N LYS A 199 9.21 25.41 -12.70
CA LYS A 199 9.69 24.82 -13.95
C LYS A 199 10.72 25.71 -14.62
N ASP A 200 10.47 27.02 -14.62
CA ASP A 200 11.39 27.94 -15.22
C ASP A 200 12.71 28.01 -14.43
N PHE A 201 12.62 27.90 -13.13
CA PHE A 201 13.82 27.96 -12.30
C PHE A 201 14.68 26.71 -12.52
N ILE A 202 14.05 25.55 -12.56
CA ILE A 202 14.78 24.32 -12.77
C ILE A 202 15.37 24.24 -14.18
N GLU A 203 14.59 24.66 -15.18
CA GLU A 203 15.05 24.59 -16.57
C GLU A 203 15.90 25.75 -17.10
N ASN A 204 15.50 26.98 -16.80
CA ASN A 204 16.23 28.14 -17.32
C ASN A 204 17.20 28.88 -16.39
N ILE A 205 16.92 28.89 -15.10
CA ILE A 205 17.79 29.57 -14.15
C ILE A 205 18.98 28.67 -13.79
N LEU A 206 18.69 27.44 -13.37
CA LEU A 206 19.72 26.49 -12.97
C LEU A 206 20.49 25.88 -14.15
N GLY A 207 19.77 25.48 -15.20
CA GLY A 207 20.41 24.88 -16.36
C GLY A 207 20.88 23.46 -16.09
N PRO A 208 21.65 22.86 -17.00
CA PRO A 208 22.14 21.49 -16.79
C PRO A 208 23.28 21.39 -15.78
N ASP A 209 24.10 22.45 -15.71
CA ASP A 209 25.21 22.47 -14.78
C ASP A 209 24.74 22.71 -13.34
N GLY A 210 23.73 23.56 -13.17
CA GLY A 210 23.19 23.84 -11.85
C GLY A 210 22.42 22.66 -11.31
N ARG A 211 21.68 21.98 -12.19
CA ARG A 211 20.89 20.81 -11.79
C ARG A 211 21.75 19.66 -11.27
N ALA A 212 22.80 19.34 -12.04
CA ALA A 212 23.71 18.25 -11.74
C ALA A 212 24.40 18.33 -10.40
N ARG A 213 24.56 19.54 -9.87
CA ARG A 213 25.24 19.68 -8.58
C ARG A 213 24.27 19.93 -7.44
N SER A 214 22.99 19.79 -7.70
CA SER A 214 22.03 20.05 -6.65
C SER A 214 20.83 19.11 -6.53
N VAL A 215 20.09 19.32 -5.44
CA VAL A 215 18.90 18.55 -5.17
C VAL A 215 17.79 19.58 -5.05
N VAL A 216 16.75 19.42 -5.86
CA VAL A 216 15.63 20.35 -5.83
C VAL A 216 14.36 19.68 -5.31
N ILE A 217 13.77 20.24 -4.26
CA ILE A 217 12.53 19.73 -3.69
C ILE A 217 11.46 20.77 -4.07
N ALA A 218 10.46 20.35 -4.83
CA ALA A 218 9.43 21.28 -5.24
C ALA A 218 8.06 20.99 -4.64
N ALA A 219 7.50 22.01 -3.99
CA ALA A 219 6.16 21.94 -3.37
C ALA A 219 5.54 23.29 -3.73
N PRO A 220 5.00 23.41 -4.95
CA PRO A 220 4.36 24.60 -5.51
C PRO A 220 3.14 25.13 -4.77
N ALA A 221 2.78 26.37 -5.08
CA ALA A 221 1.65 27.05 -4.48
C ALA A 221 0.32 26.29 -4.54
N ASP A 222 0.04 25.63 -5.64
CA ASP A 222 -1.22 24.89 -5.82
C ASP A 222 -1.32 23.57 -5.09
N VAL A 223 -0.26 23.19 -4.40
CA VAL A 223 -0.21 21.92 -3.70
C VAL A 223 -0.75 22.02 -2.26
N SER A 224 -0.88 20.90 -1.57
CA SER A 224 -1.39 20.91 -0.20
C SER A 224 -0.45 21.64 0.75
N PRO A 225 -0.99 22.56 1.58
CA PRO A 225 -0.16 23.32 2.54
C PRO A 225 0.71 22.40 3.38
N LEU A 226 0.20 21.19 3.61
CA LEU A 226 0.93 20.19 4.38
C LEU A 226 2.15 19.72 3.58
N LEU A 227 1.97 19.57 2.26
CA LEU A 227 3.08 19.13 1.41
C LEU A 227 4.12 20.22 1.29
N ARG A 228 3.68 21.47 1.35
CA ARG A 228 4.61 22.58 1.30
C ARG A 228 5.45 22.58 2.59
N MET A 229 4.79 22.34 3.72
CA MET A 229 5.45 22.31 5.02
C MET A 229 6.48 21.19 4.99
N GLN A 230 6.01 20.00 4.63
CA GLN A 230 6.86 18.82 4.56
C GLN A 230 8.01 19.03 3.53
N GLY A 231 7.74 19.81 2.48
CA GLY A 231 8.75 20.07 1.48
C GLY A 231 9.91 20.85 2.05
N ALA A 232 9.61 21.82 2.91
CA ALA A 232 10.63 22.64 3.54
C ALA A 232 11.40 21.77 4.55
N ALA A 233 10.67 20.91 5.23
CA ALA A 233 11.29 20.04 6.21
C ALA A 233 12.22 19.03 5.54
N TYR A 234 11.84 18.58 4.35
CA TYR A 234 12.61 17.60 3.58
C TYR A 234 13.89 18.18 2.98
N ALA A 235 13.84 19.38 2.40
CA ALA A 235 15.05 19.96 1.82
C ALA A 235 16.07 20.19 2.95
N THR A 236 15.57 20.57 4.12
CA THR A 236 16.41 20.82 5.29
C THR A 236 17.03 19.51 5.79
N ARG A 237 16.22 18.45 5.83
CA ARG A 237 16.73 17.15 6.27
C ARG A 237 17.80 16.62 5.33
N ILE A 238 17.68 16.93 4.05
CA ILE A 238 18.64 16.48 3.04
C ILE A 238 19.95 17.26 3.22
N ALA A 239 19.84 18.54 3.52
CA ALA A 239 21.04 19.33 3.72
C ALA A 239 21.73 18.84 5.00
N GLU A 240 20.95 18.43 5.99
CA GLU A 240 21.49 17.93 7.24
C GLU A 240 22.25 16.63 7.00
N ASP A 241 21.67 15.78 6.16
CA ASP A 241 22.27 14.51 5.82
C ASP A 241 23.58 14.71 5.06
N PHE A 242 23.60 15.66 4.12
CA PHE A 242 24.84 15.90 3.37
C PHE A 242 25.86 16.45 4.36
N ARG A 243 25.39 17.28 5.28
CA ARG A 243 26.27 17.86 6.28
C ARG A 243 26.92 16.75 7.12
N ASP A 244 26.15 15.71 7.43
CA ASP A 244 26.61 14.60 8.24
C ASP A 244 27.59 13.66 7.55
N ARG A 245 27.80 13.88 6.26
CA ARG A 245 28.73 13.08 5.47
C ARG A 245 29.99 13.91 5.22
N GLY A 246 30.08 15.06 5.88
CA GLY A 246 31.24 15.93 5.72
C GLY A 246 31.12 16.85 4.53
N GLN A 247 29.90 17.02 4.01
CA GLN A 247 29.70 17.88 2.86
C GLN A 247 29.32 19.32 3.26
N HIS A 248 29.87 20.28 2.54
CA HIS A 248 29.53 21.67 2.78
C HIS A 248 28.37 21.97 1.85
N VAL A 249 27.23 22.31 2.44
CA VAL A 249 26.02 22.56 1.66
C VAL A 249 25.53 24.00 1.64
N LEU A 250 24.91 24.37 0.52
CA LEU A 250 24.28 25.69 0.36
C LEU A 250 22.79 25.35 0.32
N LEU A 251 22.05 25.81 1.32
CA LEU A 251 20.63 25.52 1.36
C LEU A 251 19.87 26.77 0.91
N ILE A 252 19.10 26.65 -0.16
CA ILE A 252 18.31 27.75 -0.67
C ILE A 252 16.82 27.44 -0.41
N MET A 253 16.21 28.21 0.49
CA MET A 253 14.81 28.03 0.87
C MET A 253 14.00 29.21 0.35
N ASP A 254 13.19 28.91 -0.65
CA ASP A 254 12.35 29.83 -1.30
C ASP A 254 10.77 29.58 -1.39
N SER A 255 10.25 29.71 -0.13
CA SER A 255 10.45 31.04 0.52
C SER A 255 9.92 30.79 1.96
N LEU A 256 10.40 31.58 2.95
CA LEU A 256 9.90 31.51 4.32
C LEU A 256 8.50 32.10 4.33
N THR A 257 8.25 33.03 3.41
CA THR A 257 6.94 33.64 3.35
C THR A 257 5.88 32.59 3.05
N ARG A 258 6.17 31.69 2.13
CA ARG A 258 5.22 30.66 1.76
C ARG A 258 5.15 29.55 2.80
N TYR A 259 6.26 29.31 3.49
CA TYR A 259 6.26 28.28 4.53
C TYR A 259 5.33 28.77 5.62
N ALA A 260 5.39 30.05 5.94
CA ALA A 260 4.54 30.62 6.97
C ALA A 260 3.09 30.65 6.51
N MET A 261 2.86 31.00 5.25
CA MET A 261 1.50 31.02 4.74
C MET A 261 0.90 29.63 4.80
N ALA A 262 1.70 28.61 4.51
CA ALA A 262 1.25 27.22 4.56
C ALA A 262 0.76 26.91 5.97
N GLN A 263 1.61 27.22 6.96
CA GLN A 263 1.27 26.98 8.35
C GLN A 263 0.00 27.76 8.75
N ARG A 264 -0.16 28.96 8.22
CA ARG A 264 -1.37 29.73 8.54
C ARG A 264 -2.62 29.00 8.05
N GLU A 265 -2.58 28.40 6.86
CA GLU A 265 -3.74 27.67 6.33
C GLU A 265 -4.05 26.43 7.18
N ILE A 266 -3.00 25.73 7.63
CA ILE A 266 -3.20 24.55 8.45
C ILE A 266 -3.71 24.90 9.85
N ALA A 267 -3.17 25.96 10.43
CA ALA A 267 -3.58 26.39 11.78
C ALA A 267 -5.01 26.91 11.82
N LEU A 268 -5.41 27.71 10.83
CA LEU A 268 -6.76 28.25 10.80
C LEU A 268 -7.79 27.13 10.62
N ALA A 269 -7.45 26.10 9.85
CA ALA A 269 -8.36 24.97 9.62
C ALA A 269 -8.57 24.10 10.86
N ILE A 270 -7.67 24.19 11.84
CA ILE A 270 -7.81 23.39 13.04
C ILE A 270 -8.25 24.23 14.24
N GLY A 271 -8.78 25.42 13.96
CA GLY A 271 -9.26 26.28 15.03
C GLY A 271 -8.32 27.31 15.61
N GLU A 272 -7.01 27.13 15.48
CA GLU A 272 -6.08 28.11 16.03
C GLU A 272 -6.42 29.49 15.53
N PRO A 273 -6.54 30.46 16.45
CA PRO A 273 -6.87 31.85 16.11
C PRO A 273 -5.63 32.65 15.74
N PRO A 274 -5.81 33.72 14.96
CA PRO A 274 -4.68 34.56 14.56
C PRO A 274 -4.17 35.39 15.74
N ALA A 275 -2.86 35.64 15.76
CA ALA A 275 -2.24 36.41 16.84
C ALA A 275 -1.75 37.77 16.34
N THR A 276 -1.19 37.80 15.12
CA THR A 276 -0.69 39.05 14.58
C THR A 276 -1.36 39.48 13.28
N LYS A 277 -0.58 39.57 12.20
CA LYS A 277 -1.10 39.99 10.89
C LYS A 277 -2.02 38.92 10.34
N GLY A 278 -2.89 38.38 11.21
CA GLY A 278 -3.80 37.34 10.79
C GLY A 278 -3.11 36.00 10.88
N TYR A 279 -1.89 36.02 11.40
CA TYR A 279 -1.08 34.81 11.56
C TYR A 279 -1.18 34.26 12.98
N PRO A 280 -1.46 32.96 13.12
CA PRO A 280 -1.59 32.30 14.43
C PRO A 280 -0.23 32.14 15.12
N PRO A 281 -0.23 32.04 16.46
CA PRO A 281 1.00 31.88 17.22
C PRO A 281 1.94 30.80 16.70
N SER A 282 1.40 29.65 16.32
CA SER A 282 2.21 28.53 15.82
C SER A 282 3.12 28.86 14.64
N VAL A 283 2.75 29.86 13.84
CA VAL A 283 3.53 30.27 12.68
C VAL A 283 4.88 30.80 13.13
N PHE A 284 4.90 31.46 14.29
CA PHE A 284 6.12 32.04 14.81
C PHE A 284 7.00 31.10 15.61
N ALA A 285 6.55 29.86 15.74
CA ALA A 285 7.31 28.83 16.44
C ALA A 285 7.90 27.96 15.32
N LYS A 286 7.25 27.98 14.16
CA LYS A 286 7.69 27.21 13.01
C LYS A 286 8.86 27.87 12.25
N LEU A 287 8.81 29.19 12.09
CA LEU A 287 9.90 29.89 11.40
C LEU A 287 11.26 29.65 12.05
N PRO A 288 11.41 30.00 13.35
CA PRO A 288 12.66 29.82 14.10
C PRO A 288 13.16 28.39 14.08
N ALA A 289 12.24 27.45 14.31
CA ALA A 289 12.61 26.04 14.35
C ALA A 289 13.13 25.54 13.01
N LEU A 290 12.71 26.16 11.92
CA LEU A 290 13.15 25.76 10.60
C LEU A 290 14.53 26.30 10.27
N VAL A 291 14.72 27.61 10.37
CA VAL A 291 16.03 28.19 10.04
C VAL A 291 17.11 27.70 11.03
N GLU A 292 16.69 27.43 12.26
CA GLU A 292 17.59 26.96 13.32
C GLU A 292 18.39 25.71 12.95
N ARG A 293 17.83 24.88 12.08
CA ARG A 293 18.49 23.65 11.67
C ARG A 293 19.67 23.87 10.72
N ALA A 294 19.76 25.06 10.16
CA ALA A 294 20.86 25.41 9.24
C ALA A 294 22.04 25.91 10.08
N GLY A 295 23.24 26.00 9.51
CA GLY A 295 24.39 26.46 10.27
C GLY A 295 25.43 25.37 10.42
N ASN A 296 26.68 25.77 10.64
CA ASN A 296 27.79 24.82 10.80
C ASN A 296 27.48 23.60 11.64
N GLY A 297 28.17 22.50 11.35
CA GLY A 297 27.99 21.28 12.13
C GLY A 297 29.21 21.15 13.00
N ILE A 298 29.36 20.02 13.68
CA ILE A 298 30.54 19.82 14.53
C ILE A 298 31.66 19.68 13.52
N HIS A 299 32.44 20.74 13.35
CA HIS A 299 33.48 20.71 12.34
C HIS A 299 34.67 19.77 12.49
N GLY A 300 35.02 19.26 11.33
CA GLY A 300 36.05 18.29 11.09
C GLY A 300 35.24 17.65 10.00
N GLY A 301 33.93 17.95 10.09
CA GLY A 301 32.93 17.46 9.15
C GLY A 301 32.38 18.54 8.25
N GLY A 302 31.07 18.49 8.00
CA GLY A 302 30.46 19.45 7.10
C GLY A 302 29.73 20.62 7.71
N SER A 303 29.11 21.42 6.84
CA SER A 303 28.37 22.58 7.28
C SER A 303 27.16 22.83 6.40
N ILE A 304 26.31 23.74 6.86
CA ILE A 304 25.15 24.12 6.08
C ILE A 304 25.08 25.64 6.12
N THR A 305 25.13 26.25 4.95
CA THR A 305 25.02 27.68 4.82
C THR A 305 23.68 27.81 4.12
N ALA A 306 22.89 28.82 4.44
CA ALA A 306 21.60 28.89 3.81
C ALA A 306 21.05 30.27 3.54
N PHE A 307 20.19 30.32 2.52
CA PHE A 307 19.53 31.56 2.15
C PHE A 307 18.04 31.32 2.20
N TYR A 308 17.36 32.09 3.05
CA TYR A 308 15.92 32.01 3.22
C TYR A 308 15.31 33.24 2.62
N THR A 309 14.44 33.07 1.62
CA THR A 309 13.82 34.22 0.99
C THR A 309 12.58 34.72 1.71
N VAL A 310 12.35 36.02 1.61
CA VAL A 310 11.19 36.64 2.24
C VAL A 310 10.58 37.62 1.26
N LEU A 311 9.28 37.48 1.04
CA LEU A 311 8.53 38.36 0.12
C LEU A 311 8.16 39.69 0.77
N THR A 312 8.54 40.80 0.13
CA THR A 312 8.23 42.13 0.63
C THR A 312 7.10 42.78 -0.18
N GLU A 313 6.06 43.23 0.53
CA GLU A 313 4.88 43.85 -0.08
C GLU A 313 5.11 45.34 -0.38
N GLY A 314 5.93 45.61 -1.40
CA GLY A 314 6.21 46.98 -1.77
C GLY A 314 7.04 47.68 -0.70
N ASP A 315 7.89 46.90 -0.01
CA ASP A 315 8.75 47.40 1.06
C ASP A 315 7.94 47.70 2.32
N ASP A 316 8.01 46.79 3.29
CA ASP A 316 7.31 46.92 4.56
C ASP A 316 8.03 46.18 5.67
N GLN A 317 8.60 46.92 6.63
CA GLN A 317 9.30 46.29 7.74
C GLN A 317 8.34 46.19 8.94
N GLN A 318 7.05 46.06 8.62
CA GLN A 318 6.00 45.92 9.62
C GLN A 318 5.48 44.48 9.52
N ASP A 319 5.53 43.93 8.31
CA ASP A 319 5.11 42.56 8.02
C ASP A 319 5.78 41.67 9.07
N PRO A 320 4.97 40.95 9.87
CA PRO A 320 5.53 40.06 10.91
C PRO A 320 6.52 39.00 10.43
N ILE A 321 6.22 38.34 9.31
CA ILE A 321 7.13 37.32 8.79
C ILE A 321 8.51 37.93 8.56
N ALA A 322 8.52 39.08 7.91
CA ALA A 322 9.76 39.78 7.62
C ALA A 322 10.45 40.18 8.93
N ASP A 323 9.70 40.81 9.83
CA ASP A 323 10.24 41.22 11.13
C ASP A 323 10.87 40.02 11.82
N SER A 324 10.09 38.96 11.97
CA SER A 324 10.57 37.73 12.60
C SER A 324 11.83 37.22 11.92
N ALA A 325 11.83 37.22 10.59
CA ALA A 325 12.95 36.75 9.80
C ALA A 325 14.24 37.54 10.08
N ARG A 326 14.12 38.87 10.08
CA ARG A 326 15.28 39.71 10.35
C ARG A 326 15.89 39.43 11.72
N ALA A 327 15.06 38.98 12.65
CA ALA A 327 15.51 38.71 14.02
C ALA A 327 16.25 37.41 14.26
N ILE A 328 15.99 36.39 13.45
CA ILE A 328 16.66 35.11 13.65
C ILE A 328 17.76 34.75 12.67
N LEU A 329 17.94 35.58 11.65
CA LEU A 329 18.97 35.31 10.64
C LEU A 329 20.26 36.06 10.97
N ASP A 330 21.38 35.58 10.42
CA ASP A 330 22.69 36.19 10.67
C ASP A 330 23.00 37.30 9.67
N GLY A 331 21.96 37.93 9.16
CA GLY A 331 22.14 38.99 8.20
C GLY A 331 21.16 38.83 7.06
N HIS A 332 21.19 39.76 6.12
CA HIS A 332 20.28 39.70 5.00
C HIS A 332 20.60 40.65 3.86
N ILE A 333 20.25 40.18 2.67
CA ILE A 333 20.48 40.91 1.45
C ILE A 333 19.14 41.42 0.95
N VAL A 334 19.05 42.73 0.75
CA VAL A 334 17.82 43.34 0.27
C VAL A 334 17.92 43.67 -1.22
N LEU A 335 16.90 43.26 -1.97
CA LEU A 335 16.84 43.51 -3.40
C LEU A 335 15.95 44.73 -3.54
N SER A 336 16.39 45.69 -4.33
CA SER A 336 15.64 46.94 -4.49
C SER A 336 14.87 47.13 -5.77
N ARG A 337 13.65 47.62 -5.60
CA ARG A 337 12.74 47.91 -6.68
C ARG A 337 13.37 48.96 -7.60
N ARG A 338 13.79 50.07 -7.01
CA ARG A 338 14.39 51.16 -7.79
C ARG A 338 15.64 50.75 -8.54
N LEU A 339 16.45 49.85 -7.99
CA LEU A 339 17.65 49.44 -8.69
C LEU A 339 17.25 48.52 -9.84
N ALA A 340 16.17 47.78 -9.64
CA ALA A 340 15.67 46.86 -10.66
C ALA A 340 15.11 47.62 -11.86
N GLU A 341 14.15 48.50 -11.62
CA GLU A 341 13.54 49.29 -12.68
C GLU A 341 14.58 50.11 -13.44
N ALA A 342 15.74 50.31 -12.82
CA ALA A 342 16.81 51.08 -13.44
C ALA A 342 17.85 50.22 -14.16
N GLY A 343 17.61 48.91 -14.21
CA GLY A 343 18.52 48.01 -14.88
C GLY A 343 19.77 47.64 -14.09
N HIS A 344 19.76 47.91 -12.79
CA HIS A 344 20.88 47.62 -11.90
C HIS A 344 20.75 46.19 -11.34
N TYR A 345 21.50 45.24 -11.91
CA TYR A 345 21.44 43.83 -11.47
C TYR A 345 22.82 43.26 -11.18
N PRO A 346 22.96 42.49 -10.08
CA PRO A 346 21.93 42.19 -9.06
C PRO A 346 21.42 43.46 -8.41
N ALA A 347 20.11 43.54 -8.18
CA ALA A 347 19.50 44.72 -7.58
C ALA A 347 19.67 44.80 -6.07
N ILE A 348 20.89 44.57 -5.61
CA ILE A 348 21.21 44.58 -4.20
C ILE A 348 21.38 45.98 -3.62
N ASP A 349 20.54 46.33 -2.63
CA ASP A 349 20.61 47.60 -1.93
C ASP A 349 21.61 47.37 -0.78
N ILE A 350 22.84 47.86 -0.95
CA ILE A 350 23.88 47.66 0.07
C ILE A 350 23.66 48.46 1.36
N GLU A 351 22.95 49.57 1.24
CA GLU A 351 22.67 50.42 2.37
C GLU A 351 21.68 49.73 3.30
N ALA A 352 20.76 48.97 2.72
CA ALA A 352 19.71 48.28 3.48
C ALA A 352 20.02 46.83 3.88
N SER A 353 21.13 46.28 3.42
CA SER A 353 21.45 44.91 3.79
C SER A 353 22.68 44.84 4.71
N ILE A 354 22.84 43.70 5.39
CA ILE A 354 23.99 43.51 6.28
C ILE A 354 24.33 42.06 6.47
N SER A 355 25.56 41.83 6.91
CA SER A 355 26.05 40.49 7.19
C SER A 355 26.80 40.53 8.52
N ARG A 356 26.16 39.99 9.56
CA ARG A 356 26.72 39.96 10.91
C ARG A 356 28.12 39.37 11.03
N ALA A 357 28.42 38.35 10.24
CA ALA A 357 29.71 37.68 10.31
C ALA A 357 30.84 38.30 9.50
N MET A 358 30.52 39.29 8.68
CA MET A 358 31.53 39.92 7.81
C MET A 358 32.81 40.44 8.49
N THR A 359 32.68 41.35 9.45
CA THR A 359 33.84 41.93 10.12
C THR A 359 34.77 40.90 10.77
N ALA A 360 34.20 39.77 11.18
CA ALA A 360 34.98 38.72 11.80
C ALA A 360 35.66 37.86 10.73
N LEU A 361 35.10 37.89 9.54
CA LEU A 361 35.62 37.11 8.43
C LEU A 361 36.65 37.84 7.56
N ILE A 362 36.62 39.17 7.54
CA ILE A 362 37.53 39.93 6.69
C ILE A 362 38.61 40.80 7.34
N THR A 363 39.79 40.80 6.73
CA THR A 363 40.93 41.59 7.19
C THR A 363 40.52 43.07 7.24
N GLU A 364 41.24 43.87 8.02
CA GLU A 364 40.93 45.29 8.13
C GLU A 364 41.25 46.03 6.84
N GLN A 365 42.22 45.51 6.08
CA GLN A 365 42.56 46.12 4.81
C GLN A 365 41.32 46.05 3.92
N HIS A 366 40.67 44.90 3.98
CA HIS A 366 39.45 44.63 3.20
C HIS A 366 38.27 45.40 3.76
N TYR A 367 38.04 45.29 5.07
CA TYR A 367 36.92 45.98 5.71
C TYR A 367 37.01 47.49 5.60
N ALA A 368 38.23 48.01 5.54
CA ALA A 368 38.43 49.45 5.42
C ALA A 368 37.87 49.89 4.08
N ARG A 369 38.24 49.13 3.03
CA ARG A 369 37.77 49.40 1.68
C ARG A 369 36.24 49.28 1.61
N VAL A 370 35.68 48.36 2.40
CA VAL A 370 34.23 48.15 2.45
C VAL A 370 33.51 49.38 3.03
N ARG A 371 33.99 49.85 4.16
CA ARG A 371 33.40 51.03 4.79
C ARG A 371 33.47 52.19 3.81
N LEU A 372 34.64 52.34 3.20
CA LEU A 372 34.87 53.42 2.24
C LEU A 372 33.94 53.30 1.04
N PHE A 373 33.67 52.07 0.62
CA PHE A 373 32.77 51.84 -0.51
C PHE A 373 31.38 52.31 -0.14
N LYS A 374 30.95 51.96 1.07
CA LYS A 374 29.63 52.34 1.56
C LYS A 374 29.52 53.86 1.68
N GLN A 375 30.58 54.49 2.20
CA GLN A 375 30.60 55.93 2.38
C GLN A 375 30.39 56.67 1.06
N LEU A 376 31.31 56.45 0.12
CA LEU A 376 31.24 57.09 -1.19
C LEU A 376 29.93 56.76 -1.90
N LEU A 377 29.35 55.63 -1.55
CA LEU A 377 28.10 55.19 -2.15
C LEU A 377 26.93 56.03 -1.66
N SER A 378 26.88 56.27 -0.35
CA SER A 378 25.81 57.03 0.28
C SER A 378 25.87 58.52 -0.07
N SER A 379 27.06 59.11 0.08
CA SER A 379 27.26 60.53 -0.20
C SER A 379 26.86 60.92 -1.61
N PHE A 380 26.93 59.98 -2.55
CA PHE A 380 26.58 60.27 -3.93
C PHE A 380 25.10 60.06 -4.26
N GLN A 381 24.41 59.23 -3.49
CA GLN A 381 23.00 59.00 -3.79
C GLN A 381 22.08 60.09 -3.25
N ARG A 382 22.24 60.47 -1.98
CA ARG A 382 21.40 61.52 -1.41
C ARG A 382 21.74 62.84 -2.10
N ASN A 383 23.01 62.99 -2.48
CA ASN A 383 23.49 64.18 -3.15
C ASN A 383 23.18 64.11 -4.66
N ARG A 384 22.66 62.96 -5.09
CA ARG A 384 22.30 62.75 -6.49
C ARG A 384 20.99 63.45 -6.81
N ASP A 385 20.43 64.12 -5.80
CA ASP A 385 19.17 64.85 -5.95
C ASP A 385 19.42 66.36 -5.95
N LEU A 386 20.69 66.76 -5.95
CA LEU A 386 21.05 68.17 -5.90
C LEU A 386 22.10 68.60 -6.92
N VAL A 387 22.75 67.64 -7.56
CA VAL A 387 23.78 67.93 -8.56
C VAL A 387 23.25 67.94 -9.99
N SER A 388 22.07 67.34 -10.18
CA SER A 388 21.45 67.28 -11.51
C SER A 388 20.69 68.57 -11.83
N VAL A 389 21.22 69.69 -11.35
CA VAL A 389 20.62 71.01 -11.56
C VAL A 389 21.72 72.00 -11.95
N GLY A 390 22.89 71.84 -11.33
CA GLY A 390 24.02 72.71 -11.61
C GLY A 390 24.46 73.39 -10.32
N ALA A 391 23.71 73.15 -9.26
CA ALA A 391 23.97 73.73 -7.94
C ALA A 391 25.26 73.21 -7.29
N TYR A 392 25.79 72.11 -7.80
CA TYR A 392 27.00 71.55 -7.24
C TYR A 392 28.27 72.12 -7.85
N ALA A 393 28.97 72.95 -7.07
CA ALA A 393 30.22 73.55 -7.51
C ALA A 393 31.34 72.61 -7.05
N LYS A 394 31.69 71.66 -7.91
CA LYS A 394 32.72 70.69 -7.58
C LYS A 394 34.01 71.36 -7.11
N GLY A 395 34.60 70.78 -6.08
CA GLY A 395 35.82 71.32 -5.51
C GLY A 395 35.72 71.19 -4.00
N SER A 396 34.49 71.14 -3.52
CA SER A 396 34.21 70.99 -2.10
C SER A 396 33.88 69.54 -1.80
N ASP A 397 33.59 69.22 -0.54
CA ASP A 397 33.25 67.87 -0.13
C ASP A 397 34.04 66.82 -0.92
N PRO A 398 35.37 66.76 -0.71
CA PRO A 398 36.23 65.79 -1.42
C PRO A 398 35.61 64.39 -1.47
N MET A 399 34.81 64.07 -0.45
CA MET A 399 34.14 62.79 -0.36
C MET A 399 33.31 62.57 -1.62
N LEU A 400 32.68 63.65 -2.09
CA LEU A 400 31.84 63.60 -3.27
C LEU A 400 32.68 63.64 -4.56
N ASP A 401 33.84 64.29 -4.49
CA ASP A 401 34.70 64.36 -5.66
C ASP A 401 35.19 62.93 -5.92
N LYS A 402 35.63 62.27 -4.85
CA LYS A 402 36.10 60.90 -4.94
C LYS A 402 34.89 59.96 -4.98
N ALA A 403 33.71 60.54 -5.13
CA ALA A 403 32.47 59.76 -5.18
C ALA A 403 32.05 59.52 -6.63
N ILE A 404 31.75 60.59 -7.36
CA ILE A 404 31.33 60.44 -8.74
C ILE A 404 32.49 60.00 -9.63
N THR A 405 33.70 60.43 -9.28
CA THR A 405 34.87 60.07 -10.05
C THR A 405 35.01 58.54 -10.16
N LEU A 406 34.83 57.86 -9.02
CA LEU A 406 34.92 56.41 -8.94
C LEU A 406 33.58 55.71 -9.18
N TRP A 407 32.50 56.47 -9.14
CA TRP A 407 31.16 55.93 -9.33
C TRP A 407 31.00 54.92 -10.47
N PRO A 408 31.25 55.34 -11.72
CA PRO A 408 31.11 54.42 -12.85
C PRO A 408 31.81 53.10 -12.62
N GLN A 409 32.87 53.14 -11.84
CA GLN A 409 33.65 51.96 -11.52
C GLN A 409 32.95 51.07 -10.48
N LEU A 410 32.30 51.70 -9.51
CA LEU A 410 31.63 50.97 -8.44
C LEU A 410 30.28 50.42 -8.87
N GLU A 411 29.57 51.18 -9.70
CA GLU A 411 28.27 50.73 -10.19
C GLU A 411 28.52 49.48 -11.04
N ALA A 412 29.67 49.46 -11.71
CA ALA A 412 30.04 48.35 -12.57
C ALA A 412 30.68 47.23 -11.75
N PHE A 413 31.03 47.53 -10.51
CA PHE A 413 31.60 46.54 -9.61
C PHE A 413 30.40 45.80 -9.03
N LEU A 414 29.37 46.58 -8.70
CA LEU A 414 28.15 46.04 -8.13
C LEU A 414 27.42 45.18 -9.14
N GLN A 415 27.13 45.77 -10.29
CA GLN A 415 26.45 45.08 -11.37
C GLN A 415 27.23 43.85 -11.83
N GLN A 416 26.51 42.76 -12.11
CA GLN A 416 27.13 41.52 -12.55
C GLN A 416 26.15 40.81 -13.46
N GLY A 417 26.67 40.30 -14.58
CA GLY A 417 25.86 39.60 -15.54
C GLY A 417 25.53 38.21 -15.05
N ILE A 418 24.42 37.66 -15.51
CA ILE A 418 24.00 36.33 -15.11
C ILE A 418 25.04 35.24 -15.35
N PHE A 419 25.88 35.38 -16.36
CA PHE A 419 26.86 34.35 -16.63
C PHE A 419 28.30 34.76 -16.38
N GLU A 420 28.44 35.78 -15.56
CA GLU A 420 29.74 36.28 -15.16
C GLU A 420 29.99 35.76 -13.74
N ARG A 421 31.09 35.06 -13.54
CA ARG A 421 31.42 34.54 -12.23
C ARG A 421 32.41 35.47 -11.52
N ALA A 422 32.04 35.93 -10.32
CA ALA A 422 32.88 36.82 -9.55
C ALA A 422 33.52 36.08 -8.38
N ASP A 423 34.64 35.44 -8.68
CA ASP A 423 35.42 34.68 -7.71
C ASP A 423 35.71 35.51 -6.48
N TRP A 424 36.14 34.86 -5.39
CA TRP A 424 36.51 35.59 -4.18
C TRP A 424 37.73 36.45 -4.51
N GLU A 425 38.77 35.79 -5.03
CA GLU A 425 40.02 36.44 -5.45
C GLU A 425 39.69 37.52 -6.47
N ASP A 426 38.87 37.16 -7.46
CA ASP A 426 38.45 38.10 -8.49
C ASP A 426 37.75 39.31 -7.88
N SER A 427 36.91 39.06 -6.88
CA SER A 427 36.17 40.13 -6.21
C SER A 427 37.07 41.08 -5.44
N LEU A 428 38.03 40.54 -4.69
CA LEU A 428 38.95 41.39 -3.94
C LEU A 428 39.86 42.09 -4.95
N GLN A 429 40.44 41.30 -5.84
CA GLN A 429 41.33 41.80 -6.89
C GLN A 429 40.62 42.96 -7.60
N ALA A 430 39.31 42.84 -7.71
CA ALA A 430 38.53 43.87 -8.36
C ALA A 430 38.33 45.07 -7.45
N LEU A 431 38.13 44.83 -6.16
CA LEU A 431 37.93 45.91 -5.19
C LEU A 431 39.23 46.65 -4.92
N ASP A 432 40.32 45.89 -4.87
CA ASP A 432 41.63 46.45 -4.61
C ASP A 432 42.10 47.37 -5.73
N LEU A 433 41.50 47.22 -6.91
CA LEU A 433 41.88 48.05 -8.04
C LEU A 433 41.03 49.33 -8.12
N ILE A 434 39.78 49.24 -7.65
CA ILE A 434 38.88 50.39 -7.66
C ILE A 434 39.16 51.30 -6.46
N PHE A 435 39.79 50.73 -5.42
CA PHE A 435 40.04 51.53 -4.24
C PHE A 435 41.46 51.87 -3.80
N PRO A 436 42.21 50.93 -3.22
CA PRO A 436 43.52 51.45 -2.84
C PRO A 436 44.74 50.82 -3.49
N THR A 437 45.84 50.95 -2.76
CA THR A 437 47.11 50.38 -3.17
C THR A 437 47.19 49.11 -2.33
N VAL A 438 47.04 47.97 -3.00
CA VAL A 438 47.08 46.68 -2.32
C VAL A 438 48.07 46.75 -1.15
N PRO B 5 17.41 -1.06 9.79
CA PRO B 5 16.16 -1.56 9.18
C PRO B 5 16.42 -2.58 8.06
N ALA B 6 15.45 -2.74 7.17
CA ALA B 6 15.57 -3.68 6.07
C ALA B 6 16.24 -3.06 4.84
N VAL B 7 17.45 -3.50 4.54
CA VAL B 7 18.21 -3.00 3.40
C VAL B 7 17.53 -3.44 2.09
N ARG B 8 18.06 -3.00 0.94
CA ARG B 8 17.46 -3.34 -0.36
C ARG B 8 18.24 -4.33 -1.22
N ARG B 9 17.71 -5.55 -1.34
CA ARG B 9 18.34 -6.55 -2.17
C ARG B 9 17.58 -6.59 -3.50
N TYR B 10 18.33 -6.59 -4.60
CA TYR B 10 17.73 -6.57 -5.93
C TYR B 10 17.93 -7.81 -6.79
N GLY B 11 16.83 -8.32 -7.32
CA GLY B 11 16.89 -9.46 -8.21
C GLY B 11 16.42 -8.97 -9.56
N ARG B 12 16.78 -9.68 -10.62
CA ARG B 12 16.38 -9.25 -11.96
C ARG B 12 15.71 -10.41 -12.70
N LEU B 13 14.48 -10.17 -13.17
CA LEU B 13 13.73 -11.18 -13.91
C LEU B 13 14.60 -11.67 -15.06
N THR B 14 14.77 -12.99 -15.16
CA THR B 14 15.58 -13.55 -16.23
C THR B 14 14.71 -14.12 -17.33
N ARG B 15 13.73 -14.94 -16.95
CA ARG B 15 12.83 -15.54 -17.91
C ARG B 15 11.39 -15.14 -17.60
N ALA B 16 10.96 -14.00 -18.11
CA ALA B 16 9.61 -13.50 -17.88
C ALA B 16 8.57 -14.45 -18.46
N THR B 17 8.03 -14.09 -19.62
CA THR B 17 7.01 -14.88 -20.33
C THR B 17 6.83 -16.31 -19.82
N GLY B 18 5.58 -16.69 -19.55
CA GLY B 18 5.31 -18.03 -19.07
C GLY B 18 4.35 -18.15 -17.91
N LEU B 19 4.01 -19.39 -17.57
CA LEU B 19 3.09 -19.65 -16.46
C LEU B 19 3.87 -19.28 -15.20
N VAL B 20 5.12 -19.72 -15.17
CA VAL B 20 6.01 -19.45 -14.05
C VAL B 20 7.19 -18.62 -14.55
N LEU B 21 7.44 -17.51 -13.86
CA LEU B 21 8.54 -16.64 -14.21
C LEU B 21 9.77 -17.11 -13.48
N GLU B 22 10.92 -16.61 -13.90
CA GLU B 22 12.19 -16.95 -13.28
C GLU B 22 12.92 -15.66 -12.95
N ALA B 23 13.55 -15.62 -11.78
CA ALA B 23 14.29 -14.44 -11.36
C ALA B 23 15.62 -14.84 -10.73
N THR B 24 16.71 -14.56 -11.43
CA THR B 24 18.05 -14.88 -10.94
C THR B 24 18.59 -13.74 -10.07
N GLY B 25 19.69 -14.00 -9.39
CA GLY B 25 20.31 -12.98 -8.54
C GLY B 25 19.69 -12.64 -7.19
N LEU B 26 18.59 -13.29 -6.84
CA LEU B 26 17.95 -13.01 -5.55
C LEU B 26 17.70 -14.28 -4.74
N GLN B 27 17.73 -14.17 -3.42
CA GLN B 27 17.52 -15.32 -2.55
C GLN B 27 16.33 -15.13 -1.62
N LEU B 28 15.18 -15.70 -2.01
CA LEU B 28 13.94 -15.61 -1.23
C LEU B 28 13.48 -16.98 -0.73
N PRO B 29 12.82 -17.02 0.44
CA PRO B 29 12.33 -18.27 1.03
C PRO B 29 11.23 -18.86 0.14
N LEU B 30 11.00 -20.16 0.24
CA LEU B 30 9.97 -20.80 -0.57
C LEU B 30 8.60 -20.35 -0.08
N GLY B 31 7.69 -20.11 -1.02
CA GLY B 31 6.36 -19.67 -0.63
C GLY B 31 6.34 -18.23 -0.20
N ALA B 32 7.33 -17.48 -0.65
CA ALA B 32 7.45 -16.06 -0.33
C ALA B 32 6.72 -15.21 -1.37
N THR B 33 6.31 -14.00 -0.96
CA THR B 33 5.61 -13.11 -1.86
C THR B 33 6.58 -12.12 -2.50
N CYS B 34 7.27 -12.58 -3.53
CA CYS B 34 8.23 -11.77 -4.25
C CYS B 34 7.48 -10.60 -4.89
N ILE B 35 8.21 -9.64 -5.45
CA ILE B 35 7.58 -8.48 -6.08
C ILE B 35 8.37 -8.03 -7.31
N ILE B 36 7.75 -8.14 -8.47
CA ILE B 36 8.36 -7.75 -9.75
C ILE B 36 7.99 -6.32 -10.09
N GLU B 37 9.00 -5.51 -10.39
CA GLU B 37 8.82 -4.11 -10.72
C GLU B 37 8.82 -3.84 -12.22
N ARG B 38 7.68 -3.37 -12.72
CA ARG B 38 7.50 -3.05 -14.13
C ARG B 38 7.24 -1.55 -14.23
N GLN B 39 7.56 -0.96 -15.39
CA GLN B 39 7.35 0.47 -15.58
C GLN B 39 6.19 0.75 -16.54
N ASP B 40 5.01 1.04 -15.99
CA ASP B 40 3.84 1.34 -16.81
C ASP B 40 4.10 2.72 -17.41
N GLY B 41 5.03 2.76 -18.37
CA GLY B 41 5.45 4.01 -18.97
C GLY B 41 6.48 4.48 -17.97
N PRO B 42 6.68 5.80 -17.77
CA PRO B 42 7.69 6.18 -16.79
C PRO B 42 7.12 5.99 -15.37
N GLU B 43 6.14 5.08 -15.28
CA GLU B 43 5.45 4.78 -14.03
C GLU B 43 5.97 3.52 -13.33
N THR B 44 5.80 3.49 -12.00
CA THR B 44 6.22 2.38 -11.17
C THR B 44 5.12 1.34 -10.96
N LYS B 45 5.14 0.27 -11.76
CA LYS B 45 4.15 -0.80 -11.65
C LYS B 45 4.60 -1.89 -10.67
N GLU B 46 3.75 -2.15 -9.67
CA GLU B 46 4.02 -3.16 -8.66
C GLU B 46 3.21 -4.44 -8.93
N VAL B 47 3.90 -5.53 -9.22
CA VAL B 47 3.24 -6.81 -9.49
C VAL B 47 3.64 -7.85 -8.45
N GLU B 48 2.71 -8.19 -7.56
CA GLU B 48 2.99 -9.16 -6.51
C GLU B 48 2.94 -10.58 -7.06
N SER B 49 3.75 -11.47 -6.49
CA SER B 49 3.79 -12.86 -6.93
C SER B 49 4.06 -13.80 -5.76
N GLU B 50 4.75 -14.90 -6.07
CA GLU B 50 5.09 -15.90 -5.06
C GLU B 50 6.14 -16.85 -5.62
N VAL B 51 7.17 -17.12 -4.82
CA VAL B 51 8.24 -18.03 -5.23
C VAL B 51 7.73 -19.46 -5.03
N VAL B 52 7.58 -20.19 -6.13
CA VAL B 52 7.08 -21.56 -6.11
C VAL B 52 8.18 -22.61 -6.09
N GLY B 53 9.42 -22.18 -6.31
CA GLY B 53 10.54 -23.10 -6.29
C GLY B 53 11.84 -22.48 -6.76
N PHE B 54 12.91 -23.27 -6.71
CA PHE B 54 14.22 -22.81 -7.17
C PHE B 54 15.13 -23.95 -7.60
N ASN B 55 16.05 -23.65 -8.50
CA ASN B 55 17.00 -24.62 -9.02
C ASN B 55 18.36 -23.92 -9.09
N GLY B 56 19.15 -24.06 -8.03
CA GLY B 56 20.44 -23.41 -8.01
C GLY B 56 20.25 -21.91 -7.90
N GLN B 57 20.68 -21.19 -8.93
CA GLN B 57 20.56 -19.74 -8.95
C GLN B 57 19.46 -19.29 -9.92
N ARG B 58 18.33 -19.97 -9.83
CA ARG B 58 17.17 -19.68 -10.66
C ARG B 58 15.91 -19.76 -9.81
N LEU B 59 15.43 -18.62 -9.35
CA LEU B 59 14.23 -18.59 -8.53
C LEU B 59 13.00 -18.62 -9.42
N PHE B 60 12.01 -19.42 -9.03
CA PHE B 60 10.77 -19.54 -9.81
C PHE B 60 9.68 -18.68 -9.19
N LEU B 61 9.15 -17.75 -9.99
CA LEU B 61 8.10 -16.83 -9.52
C LEU B 61 6.80 -17.00 -10.26
N MET B 62 5.71 -16.70 -9.57
CA MET B 62 4.39 -16.81 -10.17
C MET B 62 3.51 -15.66 -9.70
N PRO B 63 2.99 -14.86 -10.66
CA PRO B 63 2.14 -13.70 -10.39
C PRO B 63 0.76 -14.01 -9.81
N LEU B 64 0.24 -13.06 -9.05
CA LEU B 64 -1.08 -13.19 -8.47
C LEU B 64 -1.92 -12.20 -9.29
N GLU B 65 -1.39 -11.86 -10.47
CA GLU B 65 -2.02 -10.92 -11.40
C GLU B 65 -1.62 -11.22 -12.85
N GLU B 66 -1.22 -10.18 -13.60
CA GLU B 66 -0.84 -10.36 -15.01
C GLU B 66 0.51 -9.78 -15.45
N VAL B 67 1.16 -10.51 -16.36
CA VAL B 67 2.46 -10.13 -16.91
C VAL B 67 2.36 -9.82 -18.41
N GLU B 68 2.47 -8.53 -18.76
CA GLU B 68 2.39 -8.12 -20.15
C GLU B 68 3.46 -7.11 -20.53
N GLY B 69 3.72 -6.16 -19.63
CA GLY B 69 4.73 -5.15 -19.88
C GLY B 69 6.01 -5.41 -19.14
N ILE B 70 6.05 -6.50 -18.37
CA ILE B 70 7.24 -6.85 -17.60
C ILE B 70 8.37 -7.25 -18.55
N LEU B 71 9.34 -6.35 -18.72
CA LEU B 71 10.48 -6.58 -19.60
C LEU B 71 11.41 -7.67 -19.09
N PRO B 72 12.29 -8.18 -19.96
CA PRO B 72 13.26 -9.22 -19.61
C PRO B 72 14.47 -8.57 -18.95
N GLY B 73 14.53 -8.66 -17.63
CA GLY B 73 15.62 -8.06 -16.89
C GLY B 73 15.03 -7.14 -15.86
N ALA B 74 13.74 -6.86 -16.00
CA ALA B 74 13.02 -5.99 -15.07
C ALA B 74 13.44 -6.42 -13.68
N ARG B 75 13.54 -5.45 -12.77
CA ARG B 75 13.95 -5.76 -11.41
C ARG B 75 12.86 -6.45 -10.60
N VAL B 76 13.28 -7.28 -9.65
CA VAL B 76 12.40 -7.99 -8.73
C VAL B 76 13.05 -7.84 -7.36
N TYR B 77 12.26 -7.73 -6.30
CA TYR B 77 12.85 -7.54 -4.99
C TYR B 77 12.03 -7.96 -3.78
N ALA B 78 12.57 -7.61 -2.62
CA ALA B 78 11.99 -7.90 -1.31
C ALA B 78 10.54 -7.51 -1.17
N ARG B 79 10.20 -6.91 -0.03
CA ARG B 79 8.84 -6.48 0.27
C ARG B 79 8.88 -5.94 1.67
N SER B 88 1.71 -16.58 1.49
CA SER B 88 0.86 -17.55 1.92
C SER B 88 0.80 -17.60 3.46
N GLY B 89 0.66 -16.42 4.04
CA GLY B 89 0.62 -16.26 5.48
C GLY B 89 0.11 -14.86 5.71
N LYS B 90 -0.08 -14.15 4.60
CA LYS B 90 -0.58 -12.78 4.60
C LYS B 90 -1.95 -12.62 5.26
N GLN B 91 -2.38 -11.39 5.41
CA GLN B 91 -3.64 -11.07 6.04
C GLN B 91 -4.77 -10.83 5.06
N LEU B 92 -5.88 -11.53 5.26
CA LEU B 92 -7.06 -11.39 4.41
C LEU B 92 -8.29 -11.21 5.29
N PRO B 93 -9.33 -10.55 4.76
CA PRO B 93 -10.60 -10.27 5.46
C PRO B 93 -11.27 -11.51 6.00
N LEU B 94 -12.14 -11.31 6.98
CA LEU B 94 -12.90 -12.38 7.59
C LEU B 94 -13.81 -11.83 8.67
N GLY B 95 -14.77 -12.64 9.11
CA GLY B 95 -15.70 -12.20 10.12
C GLY B 95 -17.12 -12.18 9.57
N PRO B 96 -18.13 -11.94 10.42
CA PRO B 96 -19.54 -11.90 10.00
C PRO B 96 -19.86 -11.05 8.76
N ALA B 97 -19.13 -9.97 8.55
CA ALA B 97 -19.41 -9.12 7.40
C ALA B 97 -19.49 -9.95 6.13
N LEU B 98 -18.56 -10.90 6.02
CA LEU B 98 -18.45 -11.80 4.86
C LEU B 98 -19.70 -12.54 4.40
N LEU B 99 -20.65 -12.74 5.29
CA LEU B 99 -21.89 -13.44 4.90
C LEU B 99 -22.54 -12.78 3.69
N GLY B 100 -23.37 -13.56 3.00
CA GLY B 100 -24.08 -13.06 1.83
C GLY B 100 -23.21 -12.43 0.76
N ARG B 101 -21.89 -12.58 0.85
CA ARG B 101 -21.01 -11.99 -0.15
C ARG B 101 -20.32 -13.03 -1.04
N VAL B 102 -19.68 -12.56 -2.10
CA VAL B 102 -18.93 -13.43 -3.01
C VAL B 102 -17.57 -12.75 -3.26
N LEU B 103 -16.49 -13.45 -2.96
CA LEU B 103 -15.15 -12.90 -3.12
C LEU B 103 -14.22 -13.85 -3.88
N ASP B 104 -13.05 -13.35 -4.29
CA ASP B 104 -12.08 -14.20 -4.97
C ASP B 104 -11.17 -14.75 -3.88
N GLY B 105 -10.16 -15.51 -4.27
CA GLY B 105 -9.24 -16.08 -3.29
C GLY B 105 -8.43 -15.07 -2.50
N GLY B 106 -8.34 -13.84 -3.00
CA GLY B 106 -7.59 -12.82 -2.31
C GLY B 106 -8.42 -11.87 -1.46
N GLY B 107 -9.72 -12.13 -1.36
CA GLY B 107 -10.60 -11.28 -0.57
C GLY B 107 -11.34 -10.18 -1.32
N LYS B 108 -10.88 -9.86 -2.53
CA LYS B 108 -11.51 -8.82 -3.33
C LYS B 108 -12.93 -9.19 -3.76
N PRO B 109 -13.87 -8.22 -3.69
CA PRO B 109 -15.27 -8.41 -4.05
C PRO B 109 -15.45 -8.94 -5.48
N LEU B 110 -16.43 -9.80 -5.68
CA LEU B 110 -16.69 -10.31 -7.01
C LEU B 110 -18.15 -10.16 -7.39
N ASP B 111 -19.00 -9.87 -6.42
CA ASP B 111 -20.41 -9.72 -6.72
C ASP B 111 -20.75 -8.38 -7.37
N GLY B 112 -20.47 -7.28 -6.68
CA GLY B 112 -20.75 -5.97 -7.24
C GLY B 112 -20.73 -4.92 -6.16
N LEU B 113 -20.94 -5.36 -4.93
CA LEU B 113 -20.93 -4.45 -3.78
C LEU B 113 -19.49 -4.11 -3.45
N PRO B 114 -19.28 -3.24 -2.45
CA PRO B 114 -17.90 -2.90 -2.08
C PRO B 114 -17.36 -3.85 -1.00
N ALA B 115 -16.03 -3.88 -0.89
CA ALA B 115 -15.39 -4.75 0.10
C ALA B 115 -16.12 -4.64 1.44
N PRO B 116 -16.31 -5.78 2.14
CA PRO B 116 -17.00 -5.78 3.43
C PRO B 116 -16.07 -5.12 4.44
N ASP B 117 -16.34 -3.88 4.84
CA ASP B 117 -15.43 -3.27 5.79
C ASP B 117 -15.50 -4.06 7.10
N THR B 118 -14.40 -4.77 7.35
CA THR B 118 -14.24 -5.59 8.53
C THR B 118 -12.89 -5.20 9.07
N LEU B 119 -12.77 -5.11 10.38
CA LEU B 119 -11.50 -4.74 10.98
C LEU B 119 -10.69 -5.99 11.31
N GLU B 120 -11.38 -7.11 11.45
CA GLU B 120 -10.73 -8.38 11.76
C GLU B 120 -10.09 -8.97 10.51
N THR B 121 -8.86 -9.48 10.66
CA THR B 121 -8.12 -10.06 9.54
C THR B 121 -7.13 -11.11 10.02
N GLY B 122 -7.18 -12.28 9.38
CA GLY B 122 -6.30 -13.38 9.76
C GLY B 122 -5.43 -13.90 8.61
N ALA B 123 -4.47 -14.77 8.95
CA ALA B 123 -3.58 -15.34 7.94
C ALA B 123 -4.25 -16.48 7.19
N LEU B 124 -3.84 -16.68 5.94
CA LEU B 124 -4.38 -17.75 5.08
C LEU B 124 -4.34 -19.11 5.76
N ILE B 125 -3.14 -19.50 6.17
CA ILE B 125 -2.93 -20.78 6.83
C ILE B 125 -2.70 -20.57 8.33
N THR B 126 -3.36 -21.39 9.13
CA THR B 126 -3.26 -21.28 10.58
C THR B 126 -2.55 -22.51 11.17
N PRO B 127 -1.98 -22.36 12.38
CA PRO B 127 -1.27 -23.44 13.07
C PRO B 127 -2.08 -24.72 13.23
N PRO B 128 -1.67 -25.79 12.54
CA PRO B 128 -2.36 -27.07 12.63
C PRO B 128 -2.36 -27.63 14.03
N PHE B 129 -3.55 -27.73 14.64
CA PHE B 129 -3.65 -28.27 15.99
C PHE B 129 -3.74 -29.80 15.94
N ASN B 130 -3.05 -30.45 16.87
CA ASN B 130 -3.02 -31.91 16.94
C ASN B 130 -4.42 -32.51 16.86
N PRO B 131 -4.71 -33.22 15.76
CA PRO B 131 -6.00 -33.88 15.52
C PRO B 131 -6.49 -34.87 16.59
N LEU B 132 -5.60 -35.30 17.48
CA LEU B 132 -5.99 -36.22 18.54
C LEU B 132 -6.61 -35.40 19.69
N GLN B 133 -6.55 -34.07 19.54
CA GLN B 133 -7.10 -33.15 20.52
C GLN B 133 -8.55 -32.80 20.18
N ARG B 134 -8.82 -32.64 18.89
CA ARG B 134 -10.17 -32.31 18.41
C ARG B 134 -11.23 -33.09 19.15
N THR B 135 -12.37 -32.46 19.40
CA THR B 135 -13.43 -33.16 20.09
C THR B 135 -14.02 -34.17 19.11
N PRO B 136 -14.39 -35.36 19.60
CA PRO B 136 -14.95 -36.40 18.75
C PRO B 136 -16.25 -36.03 18.07
N ILE B 137 -16.59 -36.75 17.02
CA ILE B 137 -17.84 -36.48 16.32
C ILE B 137 -18.91 -37.22 17.09
N GLU B 138 -19.93 -36.52 17.55
CA GLU B 138 -20.98 -37.19 18.31
C GLU B 138 -22.32 -36.51 18.20
N HIS B 139 -22.42 -35.52 17.33
CA HIS B 139 -23.67 -34.82 17.11
C HIS B 139 -24.03 -34.89 15.65
N VAL B 140 -25.19 -35.47 15.36
CA VAL B 140 -25.66 -35.58 13.98
C VAL B 140 -25.86 -34.18 13.41
N LEU B 141 -25.53 -34.01 12.13
CA LEU B 141 -25.72 -32.74 11.45
C LEU B 141 -26.85 -32.96 10.47
N ASP B 142 -27.93 -32.18 10.64
CA ASP B 142 -29.10 -32.30 9.77
C ASP B 142 -28.77 -31.67 8.43
N THR B 143 -28.53 -32.51 7.43
CA THR B 143 -28.19 -32.02 6.10
C THR B 143 -29.41 -31.55 5.28
N GLY B 144 -30.60 -31.99 5.66
CA GLY B 144 -31.78 -31.56 4.93
C GLY B 144 -32.08 -32.43 3.74
N VAL B 145 -31.29 -33.49 3.57
CA VAL B 145 -31.49 -34.46 2.50
C VAL B 145 -31.90 -35.72 3.24
N ARG B 146 -33.07 -36.23 2.94
CA ARG B 146 -33.61 -37.40 3.61
C ARG B 146 -32.72 -38.65 3.58
N ALA B 147 -32.40 -39.14 2.39
CA ALA B 147 -31.55 -40.32 2.27
C ALA B 147 -30.22 -40.20 3.02
N ILE B 148 -29.62 -39.01 3.02
CA ILE B 148 -28.36 -38.84 3.73
C ILE B 148 -28.59 -38.95 5.24
N ASN B 149 -29.57 -38.22 5.76
CA ASN B 149 -29.87 -38.24 7.20
C ASN B 149 -30.26 -39.60 7.75
N ALA B 150 -31.06 -40.35 7.02
CA ALA B 150 -31.51 -41.65 7.51
C ALA B 150 -30.64 -42.86 7.18
N LEU B 151 -29.83 -42.76 6.12
CA LEU B 151 -29.04 -43.93 5.72
C LEU B 151 -27.53 -43.73 5.65
N LEU B 152 -27.08 -42.48 5.70
CA LEU B 152 -25.66 -42.16 5.61
C LEU B 152 -25.33 -40.99 6.53
N THR B 153 -25.98 -41.01 7.70
CA THR B 153 -25.89 -39.97 8.72
C THR B 153 -24.52 -39.33 8.92
N VAL B 154 -24.49 -38.02 8.71
CA VAL B 154 -23.28 -37.24 8.87
C VAL B 154 -23.31 -36.52 10.21
N GLY B 155 -22.15 -36.37 10.84
CA GLY B 155 -22.13 -35.67 12.12
C GLY B 155 -21.28 -34.44 11.94
N ARG B 156 -21.42 -33.44 12.83
CA ARG B 156 -20.57 -32.28 12.66
C ARG B 156 -19.16 -32.63 13.07
N GLY B 157 -18.22 -32.16 12.27
CA GLY B 157 -16.82 -32.45 12.47
C GLY B 157 -16.40 -33.43 11.39
N GLN B 158 -17.39 -34.04 10.74
CA GLN B 158 -17.13 -35.01 9.69
C GLN B 158 -16.71 -34.45 8.33
N ARG B 159 -15.73 -35.14 7.74
CA ARG B 159 -15.23 -34.80 6.41
C ARG B 159 -15.72 -35.87 5.41
N MET B 160 -16.60 -35.45 4.51
CA MET B 160 -17.19 -36.36 3.52
C MET B 160 -16.80 -36.04 2.08
N GLY B 161 -16.77 -37.08 1.25
CA GLY B 161 -16.47 -36.89 -0.14
C GLY B 161 -17.77 -36.95 -0.92
N LEU B 162 -17.81 -36.31 -2.09
CA LEU B 162 -18.98 -36.33 -2.95
C LEU B 162 -18.40 -36.71 -4.31
N PHE B 163 -18.59 -37.96 -4.69
CA PHE B 163 -18.03 -38.46 -5.93
C PHE B 163 -19.11 -38.52 -6.99
N ALA B 164 -18.93 -37.70 -8.02
CA ALA B 164 -19.91 -37.62 -9.10
C ALA B 164 -19.29 -37.26 -10.42
N GLY B 165 -19.95 -37.68 -11.50
CA GLY B 165 -19.49 -37.35 -12.83
C GLY B 165 -20.25 -36.06 -13.13
N SER B 166 -20.15 -35.54 -14.34
CA SER B 166 -20.89 -34.33 -14.65
C SER B 166 -22.27 -34.68 -15.20
N GLY B 167 -23.21 -33.75 -15.07
CA GLY B 167 -24.56 -33.99 -15.55
C GLY B 167 -25.39 -34.92 -14.69
N VAL B 168 -24.91 -35.29 -13.50
CA VAL B 168 -25.66 -36.19 -12.65
C VAL B 168 -26.31 -35.59 -11.39
N GLY B 169 -26.28 -34.27 -11.28
CA GLY B 169 -26.90 -33.61 -10.15
C GLY B 169 -26.07 -33.15 -8.96
N LYS B 170 -24.75 -33.21 -9.07
CA LYS B 170 -23.89 -32.79 -7.96
C LYS B 170 -24.15 -31.38 -7.42
N SER B 171 -24.26 -30.38 -8.30
CA SER B 171 -24.50 -29.00 -7.87
C SER B 171 -25.85 -28.79 -7.21
N VAL B 172 -26.85 -29.53 -7.67
CA VAL B 172 -28.18 -29.43 -7.11
C VAL B 172 -28.20 -29.99 -5.68
N LEU B 173 -27.54 -31.13 -5.47
CA LEU B 173 -27.50 -31.72 -4.13
C LEU B 173 -26.77 -30.74 -3.21
N LEU B 174 -25.70 -30.14 -3.72
CA LEU B 174 -24.92 -29.18 -2.95
C LEU B 174 -25.78 -27.98 -2.60
N GLY B 175 -26.54 -27.51 -3.58
CA GLY B 175 -27.42 -26.38 -3.37
C GLY B 175 -28.51 -26.78 -2.38
N MET B 176 -28.97 -28.01 -2.49
CA MET B 176 -29.98 -28.49 -1.57
C MET B 176 -29.46 -28.40 -0.13
N MET B 177 -28.22 -28.83 0.10
CA MET B 177 -27.64 -28.78 1.44
C MET B 177 -27.27 -27.37 1.85
N ALA B 178 -26.94 -26.53 0.87
CA ALA B 178 -26.58 -25.15 1.16
C ALA B 178 -27.77 -24.39 1.71
N ARG B 179 -28.96 -24.82 1.35
CA ARG B 179 -30.18 -24.16 1.79
C ARG B 179 -30.89 -24.90 2.92
N TYR B 180 -30.74 -26.21 3.00
CA TYR B 180 -31.44 -26.95 4.05
C TYR B 180 -30.58 -27.51 5.17
N THR B 181 -29.26 -27.33 5.08
CA THR B 181 -28.38 -27.83 6.13
C THR B 181 -28.53 -26.98 7.38
N ARG B 182 -29.07 -27.60 8.41
CA ARG B 182 -29.29 -26.92 9.68
C ARG B 182 -27.95 -26.67 10.39
N ALA B 183 -27.23 -25.66 9.91
CA ALA B 183 -25.96 -25.27 10.48
C ALA B 183 -25.96 -23.75 10.54
N ASP B 184 -25.10 -23.17 11.37
CA ASP B 184 -25.05 -21.72 11.49
C ASP B 184 -24.72 -21.06 10.16
N VAL B 185 -23.52 -21.36 9.67
CA VAL B 185 -23.03 -20.77 8.44
C VAL B 185 -22.68 -21.81 7.38
N ILE B 186 -22.68 -21.35 6.13
CA ILE B 186 -22.36 -22.21 5.00
C ILE B 186 -21.25 -21.51 4.20
N VAL B 187 -20.07 -22.14 4.11
CA VAL B 187 -18.96 -21.58 3.32
C VAL B 187 -18.81 -22.43 2.06
N VAL B 188 -18.85 -21.78 0.89
CA VAL B 188 -18.77 -22.48 -0.39
C VAL B 188 -17.55 -22.14 -1.25
N GLY B 189 -16.71 -23.14 -1.54
CA GLY B 189 -15.54 -22.88 -2.37
C GLY B 189 -15.80 -23.38 -3.79
N LEU B 190 -15.81 -22.48 -4.77
CA LEU B 190 -16.06 -22.87 -6.16
C LEU B 190 -14.80 -22.64 -6.95
N ILE B 191 -14.10 -23.73 -7.25
CA ILE B 191 -12.82 -23.69 -7.94
C ILE B 191 -12.71 -24.27 -9.35
N GLY B 192 -11.82 -23.69 -10.14
CA GLY B 192 -11.52 -24.15 -11.49
C GLY B 192 -12.58 -24.29 -12.58
N GLU B 193 -13.84 -23.95 -12.31
CA GLU B 193 -14.86 -24.06 -13.34
C GLU B 193 -15.05 -22.73 -14.09
N ARG B 194 -15.60 -22.81 -15.30
CA ARG B 194 -15.84 -21.62 -16.11
C ARG B 194 -16.70 -20.58 -15.39
N GLY B 195 -16.39 -19.32 -15.63
CA GLY B 195 -17.13 -18.23 -15.01
C GLY B 195 -18.64 -18.38 -15.16
N ARG B 196 -19.08 -18.93 -16.30
CA ARG B 196 -20.52 -19.14 -16.54
C ARG B 196 -21.11 -19.99 -15.42
N GLU B 197 -20.50 -21.16 -15.22
CA GLU B 197 -20.93 -22.12 -14.21
C GLU B 197 -20.91 -21.49 -12.82
N VAL B 198 -19.89 -20.71 -12.52
CA VAL B 198 -19.81 -20.08 -11.22
C VAL B 198 -21.05 -19.23 -11.03
N LYS B 199 -21.35 -18.41 -12.04
CA LYS B 199 -22.50 -17.51 -12.02
C LYS B 199 -23.80 -18.27 -11.85
N ASP B 200 -23.98 -19.29 -12.67
CA ASP B 200 -25.18 -20.10 -12.64
C ASP B 200 -25.34 -20.75 -11.27
N PHE B 201 -24.24 -21.29 -10.74
CA PHE B 201 -24.29 -21.95 -9.45
C PHE B 201 -24.76 -21.01 -8.35
N ILE B 202 -24.23 -19.80 -8.35
CA ILE B 202 -24.58 -18.82 -7.34
C ILE B 202 -26.02 -18.30 -7.45
N GLU B 203 -26.43 -17.88 -8.65
CA GLU B 203 -27.77 -17.34 -8.82
C GLU B 203 -28.88 -18.38 -8.88
N ASN B 204 -28.65 -19.50 -9.57
CA ASN B 204 -29.66 -20.53 -9.74
C ASN B 204 -29.65 -21.77 -8.85
N ILE B 205 -28.50 -22.09 -8.26
CA ILE B 205 -28.41 -23.27 -7.40
C ILE B 205 -28.57 -22.86 -5.95
N LEU B 206 -27.75 -21.90 -5.52
CA LEU B 206 -27.79 -21.41 -4.16
C LEU B 206 -29.08 -20.64 -3.97
N GLY B 207 -29.36 -19.72 -4.89
CA GLY B 207 -30.57 -18.93 -4.78
C GLY B 207 -30.41 -17.83 -3.75
N PRO B 208 -31.43 -16.97 -3.57
CA PRO B 208 -31.36 -15.87 -2.61
C PRO B 208 -31.13 -16.31 -1.17
N ASP B 209 -32.01 -17.20 -0.66
CA ASP B 209 -31.87 -17.69 0.70
C ASP B 209 -30.53 -18.39 0.89
N GLY B 210 -30.05 -19.06 -0.16
CA GLY B 210 -28.78 -19.75 -0.08
C GLY B 210 -27.61 -18.80 0.08
N ARG B 211 -27.62 -17.73 -0.71
CA ARG B 211 -26.55 -16.74 -0.67
C ARG B 211 -26.54 -16.01 0.66
N ALA B 212 -27.72 -15.72 1.20
CA ALA B 212 -27.84 -15.01 2.46
C ALA B 212 -26.91 -15.55 3.55
N ARG B 213 -27.10 -16.81 3.91
CA ARG B 213 -26.29 -17.45 4.94
C ARG B 213 -25.05 -18.19 4.43
N SER B 214 -24.49 -17.74 3.31
CA SER B 214 -23.30 -18.38 2.79
C SER B 214 -22.22 -17.36 2.47
N VAL B 215 -20.97 -17.82 2.52
CA VAL B 215 -19.83 -16.98 2.17
C VAL B 215 -19.25 -17.73 0.99
N VAL B 216 -19.35 -17.15 -0.20
CA VAL B 216 -18.87 -17.80 -1.39
C VAL B 216 -17.52 -17.31 -1.89
N ILE B 217 -16.58 -18.24 -2.04
CA ILE B 217 -15.27 -17.89 -2.56
C ILE B 217 -15.20 -18.50 -3.96
N ALA B 218 -15.02 -17.65 -4.97
CA ALA B 218 -14.95 -18.12 -6.34
C ALA B 218 -13.57 -17.86 -6.90
N ALA B 219 -13.12 -18.79 -7.75
CA ALA B 219 -11.82 -18.69 -8.39
C ALA B 219 -11.88 -19.63 -9.60
N PRO B 220 -12.46 -19.16 -10.73
CA PRO B 220 -12.64 -19.88 -12.00
C PRO B 220 -11.38 -20.27 -12.76
N ALA B 221 -11.58 -21.06 -13.81
CA ALA B 221 -10.50 -21.56 -14.66
C ALA B 221 -9.63 -20.52 -15.36
N ASP B 222 -10.20 -19.35 -15.62
CA ASP B 222 -9.46 -18.27 -16.32
C ASP B 222 -8.40 -17.61 -15.44
N VAL B 223 -8.41 -17.94 -14.15
CA VAL B 223 -7.46 -17.38 -13.20
C VAL B 223 -6.24 -18.31 -13.03
N SER B 224 -5.15 -17.79 -12.45
CA SER B 224 -3.96 -18.61 -12.28
C SER B 224 -4.11 -19.75 -11.27
N PRO B 225 -3.34 -20.82 -11.47
CA PRO B 225 -3.32 -22.01 -10.63
C PRO B 225 -3.18 -21.60 -9.16
N LEU B 226 -2.28 -20.66 -8.90
CA LEU B 226 -2.06 -20.18 -7.53
C LEU B 226 -3.31 -19.58 -6.93
N LEU B 227 -3.95 -18.67 -7.66
CA LEU B 227 -5.17 -18.03 -7.18
C LEU B 227 -6.25 -19.08 -6.93
N ARG B 228 -6.28 -20.09 -7.78
CA ARG B 228 -7.26 -21.16 -7.62
C ARG B 228 -6.98 -21.96 -6.35
N MET B 229 -5.71 -22.20 -6.02
CA MET B 229 -5.42 -22.94 -4.80
C MET B 229 -5.69 -22.07 -3.58
N GLN B 230 -5.44 -20.75 -3.69
CA GLN B 230 -5.69 -19.83 -2.59
C GLN B 230 -7.19 -19.74 -2.30
N GLY B 231 -8.00 -19.78 -3.36
CA GLY B 231 -9.44 -19.72 -3.20
C GLY B 231 -9.88 -20.82 -2.26
N ALA B 232 -9.31 -22.01 -2.46
CA ALA B 232 -9.66 -23.15 -1.61
C ALA B 232 -9.12 -22.92 -0.20
N ALA B 233 -7.86 -22.52 -0.11
CA ALA B 233 -7.21 -22.25 1.17
C ALA B 233 -8.00 -21.18 1.92
N TYR B 234 -8.32 -20.10 1.22
CA TYR B 234 -9.08 -19.00 1.79
C TYR B 234 -10.45 -19.48 2.24
N ALA B 235 -11.14 -20.25 1.39
CA ALA B 235 -12.49 -20.78 1.70
C ALA B 235 -12.44 -21.52 3.08
N THR B 236 -11.39 -22.32 3.28
CA THR B 236 -11.30 -23.06 4.52
C THR B 236 -10.77 -22.19 5.66
N ARG B 237 -9.92 -21.22 5.33
CA ARG B 237 -9.42 -20.32 6.37
C ARG B 237 -10.64 -19.59 6.92
N ILE B 238 -11.53 -19.16 6.02
CA ILE B 238 -12.73 -18.47 6.46
C ILE B 238 -13.51 -19.40 7.39
N ALA B 239 -13.65 -20.66 6.98
CA ALA B 239 -14.34 -21.65 7.78
C ALA B 239 -13.70 -21.81 9.16
N GLU B 240 -12.37 -21.72 9.20
CA GLU B 240 -11.65 -21.84 10.47
C GLU B 240 -12.02 -20.69 11.41
N ASP B 241 -11.85 -19.46 10.93
CA ASP B 241 -12.19 -18.29 11.72
C ASP B 241 -13.62 -18.37 12.24
N PHE B 242 -14.52 -18.93 11.43
CA PHE B 242 -15.91 -19.07 11.87
C PHE B 242 -16.05 -20.08 12.98
N ARG B 243 -15.41 -21.24 12.81
CA ARG B 243 -15.43 -22.32 13.81
C ARG B 243 -14.98 -21.81 15.17
N ASP B 244 -13.90 -21.04 15.19
CA ASP B 244 -13.36 -20.50 16.43
C ASP B 244 -14.36 -19.59 17.16
N ARG B 245 -15.22 -18.89 16.41
CA ARG B 245 -16.22 -18.01 17.02
C ARG B 245 -17.32 -18.84 17.68
N GLY B 246 -17.19 -20.16 17.59
CA GLY B 246 -18.19 -21.05 18.18
C GLY B 246 -19.30 -21.49 17.26
N GLN B 247 -19.15 -21.25 15.95
CA GLN B 247 -20.19 -21.64 15.01
C GLN B 247 -19.95 -22.96 14.29
N HIS B 248 -21.03 -23.69 14.03
CA HIS B 248 -20.95 -24.96 13.32
C HIS B 248 -21.05 -24.68 11.82
N VAL B 249 -19.91 -24.78 11.13
CA VAL B 249 -19.82 -24.52 9.72
C VAL B 249 -20.01 -25.77 8.85
N LEU B 250 -20.63 -25.54 7.70
CA LEU B 250 -20.82 -26.58 6.70
C LEU B 250 -19.97 -26.04 5.57
N LEU B 251 -18.86 -26.71 5.29
CA LEU B 251 -17.97 -26.29 4.24
C LEU B 251 -18.16 -27.17 3.01
N ILE B 252 -18.39 -26.52 1.88
CA ILE B 252 -18.61 -27.18 0.60
C ILE B 252 -17.46 -26.82 -0.33
N MET B 253 -16.63 -27.80 -0.67
CA MET B 253 -15.50 -27.54 -1.53
C MET B 253 -15.66 -28.22 -2.89
N ASP B 254 -15.94 -27.40 -3.88
CA ASP B 254 -16.11 -27.84 -5.22
C ASP B 254 -15.16 -27.26 -6.30
N SER B 255 -13.93 -27.82 -6.24
CA SER B 255 -13.82 -29.29 -6.21
C SER B 255 -12.33 -29.60 -5.83
N LEU B 256 -12.12 -30.76 -5.21
CA LEU B 256 -10.79 -31.24 -4.86
C LEU B 256 -10.02 -31.57 -6.17
N THR B 257 -10.78 -31.91 -7.21
CA THR B 257 -10.19 -32.25 -8.51
C THR B 257 -9.55 -31.01 -9.12
N ARG B 258 -10.24 -29.87 -9.06
CA ARG B 258 -9.69 -28.64 -9.61
C ARG B 258 -8.53 -28.16 -8.75
N TYR B 259 -8.62 -28.36 -7.43
CA TYR B 259 -7.55 -27.96 -6.52
C TYR B 259 -6.30 -28.76 -6.89
N ALA B 260 -6.47 -30.07 -7.10
CA ALA B 260 -5.37 -30.94 -7.48
C ALA B 260 -4.83 -30.57 -8.86
N MET B 261 -5.72 -30.35 -9.81
CA MET B 261 -5.32 -30.00 -11.17
C MET B 261 -4.53 -28.68 -11.24
N ALA B 262 -4.74 -27.78 -10.28
CA ALA B 262 -4.03 -26.51 -10.26
C ALA B 262 -2.60 -26.72 -9.79
N GLN B 263 -2.44 -27.59 -8.79
CA GLN B 263 -1.09 -27.89 -8.28
C GLN B 263 -0.31 -28.56 -9.41
N ARG B 264 -1.01 -29.40 -10.17
CA ARG B 264 -0.39 -30.10 -11.29
C ARG B 264 0.18 -29.08 -12.30
N GLU B 265 -0.63 -28.10 -12.68
CA GLU B 265 -0.21 -27.08 -13.63
C GLU B 265 1.11 -26.47 -13.10
N ILE B 266 1.09 -25.99 -11.87
CA ILE B 266 2.27 -25.40 -11.25
C ILE B 266 3.44 -26.38 -11.17
N ALA B 267 3.17 -27.56 -10.62
CA ALA B 267 4.19 -28.59 -10.44
C ALA B 267 4.94 -28.94 -11.73
N LEU B 268 4.20 -29.22 -12.80
CA LEU B 268 4.79 -29.56 -14.10
C LEU B 268 5.60 -28.43 -14.71
N ALA B 269 5.06 -27.22 -14.60
CA ALA B 269 5.71 -26.04 -15.17
C ALA B 269 7.04 -25.79 -14.47
N ILE B 270 7.23 -26.44 -13.33
CA ILE B 270 8.45 -26.26 -12.57
C ILE B 270 9.38 -27.44 -12.72
N GLY B 271 8.96 -28.44 -13.50
CA GLY B 271 9.82 -29.57 -13.72
C GLY B 271 9.56 -30.81 -12.89
N GLU B 272 8.58 -30.81 -11.99
CA GLU B 272 8.32 -32.02 -11.20
C GLU B 272 7.79 -33.13 -12.10
N PRO B 273 8.52 -34.26 -12.16
CA PRO B 273 8.10 -35.38 -12.99
C PRO B 273 6.78 -35.96 -12.47
N PRO B 274 5.85 -36.30 -13.39
CA PRO B 274 4.56 -36.86 -12.99
C PRO B 274 4.65 -38.28 -12.43
N ALA B 275 3.98 -38.52 -11.30
CA ALA B 275 3.95 -39.83 -10.66
C ALA B 275 2.95 -40.73 -11.37
N THR B 276 1.68 -40.63 -10.98
CA THR B 276 0.63 -41.43 -11.58
C THR B 276 -0.24 -40.59 -12.51
N LYS B 277 -0.42 -41.10 -13.72
CA LYS B 277 -1.19 -40.44 -14.77
C LYS B 277 -1.16 -38.92 -14.79
N GLY B 278 0.03 -38.36 -15.06
CA GLY B 278 0.16 -36.91 -15.14
C GLY B 278 0.34 -36.16 -13.84
N TYR B 279 -0.25 -36.65 -12.75
CA TYR B 279 -0.13 -35.96 -11.47
C TYR B 279 1.24 -36.12 -10.80
N PRO B 280 1.90 -35.00 -10.51
CA PRO B 280 3.21 -35.01 -9.84
C PRO B 280 3.03 -35.42 -8.37
N PRO B 281 4.12 -35.85 -7.70
CA PRO B 281 4.00 -36.26 -6.30
C PRO B 281 3.47 -35.17 -5.35
N SER B 282 3.86 -33.93 -5.57
CA SER B 282 3.42 -32.83 -4.72
C SER B 282 1.89 -32.80 -4.53
N VAL B 283 1.15 -33.14 -5.59
CA VAL B 283 -0.31 -33.13 -5.55
C VAL B 283 -0.87 -33.99 -4.40
N PHE B 284 -0.36 -35.21 -4.27
CA PHE B 284 -0.86 -36.07 -3.21
C PHE B 284 -0.47 -35.63 -1.81
N ALA B 285 0.50 -34.72 -1.68
CA ALA B 285 0.86 -34.21 -0.36
C ALA B 285 -0.08 -33.03 -0.08
N LYS B 286 -0.46 -32.31 -1.13
CA LYS B 286 -1.34 -31.15 -1.00
C LYS B 286 -2.78 -31.47 -0.56
N LEU B 287 -3.40 -32.45 -1.21
CA LEU B 287 -4.79 -32.80 -0.87
C LEU B 287 -4.99 -33.10 0.60
N PRO B 288 -4.20 -34.02 1.16
CA PRO B 288 -4.37 -34.33 2.57
C PRO B 288 -4.20 -33.11 3.47
N ALA B 289 -3.30 -32.21 3.11
CA ALA B 289 -3.07 -31.02 3.92
C ALA B 289 -4.27 -30.07 3.90
N LEU B 290 -4.99 -30.03 2.79
CA LEU B 290 -6.16 -29.17 2.68
C LEU B 290 -7.31 -29.77 3.49
N VAL B 291 -7.63 -31.02 3.22
CA VAL B 291 -8.71 -31.72 3.91
C VAL B 291 -8.56 -31.73 5.45
N GLU B 292 -7.33 -31.87 5.94
CA GLU B 292 -7.07 -31.93 7.37
C GLU B 292 -7.37 -30.68 8.19
N ARG B 293 -7.55 -29.54 7.55
CA ARG B 293 -7.86 -28.33 8.29
C ARG B 293 -9.34 -28.31 8.72
N ALA B 294 -10.22 -29.01 8.01
CA ALA B 294 -11.63 -29.04 8.40
C ALA B 294 -11.79 -29.98 9.62
N GLY B 295 -13.03 -30.09 10.14
CA GLY B 295 -13.25 -30.95 11.28
C GLY B 295 -13.52 -30.19 12.58
N ASN B 296 -13.91 -30.93 13.62
CA ASN B 296 -14.20 -30.37 14.94
C ASN B 296 -13.07 -29.52 15.47
N GLY B 297 -13.44 -28.46 16.19
CA GLY B 297 -12.46 -27.54 16.71
C GLY B 297 -11.90 -27.76 18.10
N ILE B 298 -11.31 -26.68 18.59
CA ILE B 298 -10.65 -26.62 19.88
C ILE B 298 -11.39 -27.07 21.14
N HIS B 299 -12.12 -26.18 21.78
CA HIS B 299 -12.78 -26.51 23.04
C HIS B 299 -14.27 -26.84 23.04
N GLY B 300 -15.07 -25.96 23.62
CA GLY B 300 -16.50 -26.19 23.70
C GLY B 300 -17.30 -26.10 22.41
N GLY B 301 -17.03 -25.09 21.60
CA GLY B 301 -17.80 -24.96 20.37
C GLY B 301 -17.01 -24.65 19.11
N GLY B 302 -17.63 -24.94 17.97
CA GLY B 302 -16.98 -24.70 16.69
C GLY B 302 -16.68 -26.03 16.03
N SER B 303 -17.30 -26.27 14.86
CA SER B 303 -17.10 -27.50 14.10
C SER B 303 -17.24 -27.28 12.61
N ILE B 304 -16.29 -27.81 11.83
CA ILE B 304 -16.34 -27.68 10.38
C ILE B 304 -16.67 -29.02 9.74
N THR B 305 -17.92 -29.16 9.31
CA THR B 305 -18.37 -30.37 8.63
C THR B 305 -18.18 -30.03 7.15
N ALA B 306 -17.48 -30.88 6.43
CA ALA B 306 -17.22 -30.60 5.01
C ALA B 306 -17.59 -31.69 4.02
N PHE B 307 -17.76 -31.25 2.78
CA PHE B 307 -18.08 -32.10 1.65
C PHE B 307 -17.11 -31.67 0.56
N TYR B 308 -16.29 -32.61 0.11
CA TYR B 308 -15.30 -32.35 -0.93
C TYR B 308 -15.66 -33.09 -2.21
N THR B 309 -15.87 -32.32 -3.28
CA THR B 309 -16.25 -32.86 -4.56
C THR B 309 -15.08 -33.46 -5.33
N VAL B 310 -15.32 -34.61 -5.91
CA VAL B 310 -14.32 -35.27 -6.72
C VAL B 310 -15.06 -35.66 -7.97
N LEU B 311 -14.58 -35.20 -9.11
CA LEU B 311 -15.22 -35.49 -10.37
C LEU B 311 -14.69 -36.78 -10.93
N THR B 312 -15.40 -37.87 -10.67
CA THR B 312 -14.96 -39.15 -11.19
C THR B 312 -15.24 -39.04 -12.68
N GLU B 313 -14.23 -39.32 -13.50
CA GLU B 313 -14.38 -39.21 -14.95
C GLU B 313 -15.57 -40.01 -15.48
N GLY B 314 -16.27 -40.70 -14.58
CA GLY B 314 -17.42 -41.48 -14.97
C GLY B 314 -17.65 -42.67 -14.05
N ASP B 315 -17.62 -42.41 -12.75
CA ASP B 315 -17.81 -43.46 -11.74
C ASP B 315 -16.60 -44.41 -11.75
N ASP B 316 -15.67 -44.19 -12.68
CA ASP B 316 -14.48 -45.03 -12.83
C ASP B 316 -13.68 -45.14 -11.53
N GLN B 317 -12.78 -46.13 -11.46
CA GLN B 317 -11.98 -46.36 -10.26
C GLN B 317 -10.53 -45.88 -10.28
N GLN B 318 -9.70 -46.49 -11.12
CA GLN B 318 -8.28 -46.14 -11.22
C GLN B 318 -8.00 -44.68 -11.56
N ASP B 319 -8.30 -43.80 -10.60
CA ASP B 319 -8.10 -42.37 -10.76
C ASP B 319 -7.61 -41.80 -9.44
N PRO B 320 -6.33 -41.38 -9.41
CA PRO B 320 -5.54 -40.80 -8.32
C PRO B 320 -6.25 -39.95 -7.27
N ILE B 321 -6.99 -38.94 -7.69
CA ILE B 321 -7.66 -38.05 -6.76
C ILE B 321 -8.75 -38.73 -5.94
N ALA B 322 -9.58 -39.52 -6.61
CA ALA B 322 -10.67 -40.21 -5.93
C ALA B 322 -10.11 -41.15 -4.88
N ASP B 323 -9.08 -41.89 -5.26
CA ASP B 323 -8.45 -42.84 -4.33
C ASP B 323 -7.77 -42.15 -3.17
N SER B 324 -7.14 -41.00 -3.44
CA SER B 324 -6.46 -40.27 -2.38
C SER B 324 -7.50 -39.69 -1.42
N ALA B 325 -8.64 -39.31 -1.98
CA ALA B 325 -9.74 -38.75 -1.20
C ALA B 325 -10.38 -39.82 -0.31
N ARG B 326 -10.68 -40.97 -0.90
CA ARG B 326 -11.30 -42.07 -0.14
C ARG B 326 -10.49 -42.43 1.09
N ALA B 327 -9.17 -42.44 0.95
CA ALA B 327 -8.27 -42.80 2.06
C ALA B 327 -8.21 -41.86 3.25
N ILE B 328 -8.44 -40.56 3.05
CA ILE B 328 -8.41 -39.64 4.20
C ILE B 328 -9.75 -39.07 4.63
N LEU B 329 -10.79 -39.29 3.84
CA LEU B 329 -12.11 -38.78 4.19
C LEU B 329 -12.83 -39.79 5.11
N ASP B 330 -13.79 -39.28 5.88
CA ASP B 330 -14.60 -40.09 6.80
C ASP B 330 -15.83 -40.66 6.06
N GLY B 331 -15.66 -41.02 4.78
CA GLY B 331 -16.77 -41.58 4.02
C GLY B 331 -17.06 -40.79 2.76
N HIS B 332 -18.03 -41.28 1.99
CA HIS B 332 -18.37 -40.62 0.75
C HIS B 332 -19.77 -40.89 0.25
N ILE B 333 -20.30 -39.92 -0.47
CA ILE B 333 -21.60 -40.01 -1.09
C ILE B 333 -21.27 -40.09 -2.57
N VAL B 334 -21.70 -41.19 -3.19
CA VAL B 334 -21.45 -41.47 -4.60
C VAL B 334 -22.71 -41.21 -5.40
N LEU B 335 -22.62 -40.37 -6.43
CA LEU B 335 -23.78 -40.14 -7.28
C LEU B 335 -23.57 -41.06 -8.46
N SER B 336 -24.66 -41.59 -9.02
CA SER B 336 -24.52 -42.49 -10.15
C SER B 336 -25.35 -42.08 -11.36
N ARG B 337 -24.67 -42.03 -12.51
CA ARG B 337 -25.31 -41.69 -13.77
C ARG B 337 -26.52 -42.60 -14.03
N ARG B 338 -26.33 -43.88 -13.77
CA ARG B 338 -27.39 -44.86 -13.94
C ARG B 338 -28.66 -44.40 -13.23
N LEU B 339 -28.51 -43.86 -12.03
CA LEU B 339 -29.65 -43.42 -11.25
C LEU B 339 -30.25 -42.14 -11.82
N ALA B 340 -29.38 -41.20 -12.15
CA ALA B 340 -29.83 -39.94 -12.73
C ALA B 340 -30.63 -40.18 -14.01
N GLU B 341 -30.12 -41.02 -14.91
CA GLU B 341 -30.82 -41.30 -16.16
C GLU B 341 -32.23 -41.84 -15.94
N ALA B 342 -32.45 -42.50 -14.82
CA ALA B 342 -33.78 -43.07 -14.53
C ALA B 342 -34.65 -42.08 -13.77
N GLY B 343 -34.26 -40.81 -13.77
CA GLY B 343 -35.04 -39.81 -13.07
C GLY B 343 -35.11 -39.97 -11.57
N HIS B 344 -34.10 -40.65 -10.99
CA HIS B 344 -34.01 -40.89 -9.54
C HIS B 344 -33.03 -39.88 -8.93
N TYR B 345 -33.57 -38.83 -8.32
CA TYR B 345 -32.75 -37.77 -7.73
C TYR B 345 -33.14 -37.42 -6.27
N PRO B 346 -32.15 -37.10 -5.42
CA PRO B 346 -30.70 -37.13 -5.71
C PRO B 346 -30.30 -38.51 -6.17
N ALA B 347 -29.38 -38.60 -7.12
CA ALA B 347 -28.91 -39.88 -7.65
C ALA B 347 -27.88 -40.57 -6.76
N ILE B 348 -28.15 -40.58 -5.46
CA ILE B 348 -27.25 -41.18 -4.48
C ILE B 348 -27.25 -42.70 -4.53
N ASP B 349 -26.07 -43.24 -4.80
CA ASP B 349 -25.89 -44.68 -4.86
C ASP B 349 -25.66 -45.10 -3.42
N ILE B 350 -26.71 -45.65 -2.80
CA ILE B 350 -26.68 -46.10 -1.41
C ILE B 350 -25.64 -47.18 -1.08
N GLU B 351 -25.63 -48.26 -1.86
CA GLU B 351 -24.68 -49.35 -1.65
C GLU B 351 -23.23 -48.86 -1.77
N ALA B 352 -22.97 -47.96 -2.71
CA ALA B 352 -21.64 -47.42 -2.96
C ALA B 352 -21.20 -46.30 -2.02
N SER B 353 -22.12 -45.77 -1.23
CA SER B 353 -21.79 -44.69 -0.30
C SER B 353 -21.63 -45.19 1.12
N ILE B 354 -20.82 -44.48 1.89
CA ILE B 354 -20.59 -44.83 3.27
C ILE B 354 -20.44 -43.58 4.14
N SER B 355 -20.83 -43.73 5.39
CA SER B 355 -20.69 -42.68 6.37
C SER B 355 -19.95 -43.46 7.45
N ARG B 356 -18.68 -43.13 7.66
CA ARG B 356 -17.90 -43.84 8.65
C ARG B 356 -18.28 -43.54 10.10
N ALA B 357 -18.86 -42.37 10.36
CA ALA B 357 -19.26 -42.04 11.73
C ALA B 357 -20.72 -42.36 12.02
N MET B 358 -21.45 -42.82 11.01
CA MET B 358 -22.88 -43.12 11.19
C MET B 358 -23.26 -43.97 12.40
N THR B 359 -22.72 -45.19 12.45
CA THR B 359 -23.04 -46.11 13.53
C THR B 359 -22.81 -45.51 14.90
N ALA B 360 -21.89 -44.56 15.00
CA ALA B 360 -21.61 -43.91 16.29
C ALA B 360 -22.67 -42.88 16.63
N LEU B 361 -23.27 -42.29 15.61
CA LEU B 361 -24.28 -41.25 15.78
C LEU B 361 -25.73 -41.68 15.92
N ILE B 362 -26.08 -42.90 15.53
CA ILE B 362 -27.49 -43.30 15.62
C ILE B 362 -27.75 -44.48 16.55
N THR B 363 -29.02 -44.66 16.91
CA THR B 363 -29.43 -45.74 17.79
C THR B 363 -29.42 -47.08 17.07
N GLU B 364 -29.40 -48.15 17.86
CA GLU B 364 -29.40 -49.49 17.31
C GLU B 364 -30.68 -49.73 16.50
N GLN B 365 -31.81 -49.26 17.02
CA GLN B 365 -33.09 -49.41 16.34
C GLN B 365 -33.00 -48.72 14.98
N HIS B 366 -32.47 -47.50 14.96
CA HIS B 366 -32.33 -46.75 13.72
C HIS B 366 -31.36 -47.50 12.78
N TYR B 367 -30.18 -47.86 13.29
CA TYR B 367 -29.20 -48.58 12.48
C TYR B 367 -29.80 -49.87 11.88
N ALA B 368 -30.54 -50.61 12.69
CA ALA B 368 -31.16 -51.86 12.21
C ALA B 368 -32.11 -51.55 11.05
N ARG B 369 -32.79 -50.41 11.12
CA ARG B 369 -33.69 -50.01 10.06
C ARG B 369 -32.84 -49.72 8.80
N VAL B 370 -31.64 -49.20 9.02
CA VAL B 370 -30.72 -48.89 7.92
C VAL B 370 -30.27 -50.16 7.20
N ARG B 371 -29.94 -51.18 7.98
CA ARG B 371 -29.49 -52.46 7.43
C ARG B 371 -30.56 -53.12 6.58
N LEU B 372 -31.78 -53.17 7.11
CA LEU B 372 -32.89 -53.78 6.39
C LEU B 372 -33.12 -53.04 5.08
N PHE B 373 -33.18 -51.71 5.16
CA PHE B 373 -33.39 -50.89 3.96
C PHE B 373 -32.35 -51.21 2.88
N LYS B 374 -31.07 -51.29 3.26
CA LYS B 374 -30.01 -51.57 2.31
C LYS B 374 -30.07 -53.02 1.80
N GLN B 375 -30.53 -53.94 2.63
CA GLN B 375 -30.67 -55.32 2.19
C GLN B 375 -31.78 -55.45 1.14
N LEU B 376 -32.89 -54.73 1.34
CA LEU B 376 -33.99 -54.77 0.40
C LEU B 376 -33.55 -54.23 -0.97
N LEU B 377 -32.98 -53.03 -0.97
CA LEU B 377 -32.47 -52.40 -2.19
C LEU B 377 -31.56 -53.38 -2.94
N SER B 378 -30.62 -53.97 -2.23
CA SER B 378 -29.70 -54.91 -2.84
C SER B 378 -30.42 -56.09 -3.47
N SER B 379 -31.28 -56.75 -2.69
CA SER B 379 -32.03 -57.89 -3.19
C SER B 379 -32.80 -57.48 -4.44
N PHE B 380 -33.50 -56.36 -4.38
CA PHE B 380 -34.27 -55.91 -5.52
C PHE B 380 -33.40 -55.70 -6.77
N GLN B 381 -32.24 -55.08 -6.57
CA GLN B 381 -31.31 -54.83 -7.68
C GLN B 381 -30.86 -56.11 -8.37
N ARG B 382 -30.43 -57.09 -7.58
CA ARG B 382 -29.94 -58.35 -8.12
C ARG B 382 -31.05 -59.25 -8.68
N ASN B 383 -32.31 -58.86 -8.48
CA ASN B 383 -33.41 -59.67 -8.97
C ASN B 383 -34.43 -58.91 -9.81
N ARG B 384 -34.30 -57.59 -9.88
CA ARG B 384 -35.27 -56.82 -10.65
C ARG B 384 -35.35 -57.34 -12.10
N ASP B 385 -34.23 -57.80 -12.63
CA ASP B 385 -34.18 -58.31 -14.00
C ASP B 385 -35.06 -59.54 -14.16
N LEU B 386 -34.96 -60.48 -13.22
CA LEU B 386 -35.78 -61.69 -13.27
C LEU B 386 -37.24 -61.34 -12.96
N VAL B 387 -37.43 -60.46 -11.98
CA VAL B 387 -38.77 -60.04 -11.58
C VAL B 387 -39.52 -59.39 -12.73
N SER B 388 -38.88 -58.43 -13.40
CA SER B 388 -39.53 -57.73 -14.51
C SER B 388 -40.02 -58.68 -15.60
N VAL B 389 -39.44 -59.88 -15.66
CA VAL B 389 -39.82 -60.86 -16.67
C VAL B 389 -40.79 -61.94 -16.16
N GLY B 390 -41.12 -61.87 -14.87
CA GLY B 390 -42.04 -62.84 -14.30
C GLY B 390 -41.44 -64.18 -13.90
N ALA B 391 -40.10 -64.27 -13.88
CA ALA B 391 -39.46 -65.52 -13.51
C ALA B 391 -39.59 -65.81 -12.02
N TYR B 392 -39.47 -64.77 -11.20
CA TYR B 392 -39.57 -64.95 -9.76
C TYR B 392 -40.90 -65.51 -9.29
N ALA B 393 -40.83 -66.45 -8.33
CA ALA B 393 -42.01 -67.08 -7.75
C ALA B 393 -42.27 -66.43 -6.39
N LYS B 394 -43.15 -65.43 -6.38
CA LYS B 394 -43.48 -64.69 -5.18
C LYS B 394 -43.89 -65.49 -3.95
N GLY B 395 -42.90 -65.97 -3.22
CA GLY B 395 -43.16 -66.73 -2.01
C GLY B 395 -41.96 -67.49 -1.48
N SER B 396 -41.03 -67.83 -2.36
CA SER B 396 -39.84 -68.56 -1.94
C SER B 396 -38.78 -67.71 -1.24
N ASP B 397 -38.59 -66.47 -1.70
CA ASP B 397 -37.59 -65.56 -1.11
C ASP B 397 -38.25 -64.35 -0.44
N PRO B 398 -38.52 -64.46 0.87
CA PRO B 398 -39.16 -63.41 1.67
C PRO B 398 -38.49 -62.03 1.60
N MET B 399 -37.16 -62.01 1.57
CA MET B 399 -36.43 -60.75 1.51
C MET B 399 -36.75 -60.02 0.21
N LEU B 400 -36.77 -60.76 -0.90
CA LEU B 400 -37.07 -60.19 -2.22
C LEU B 400 -38.55 -59.78 -2.24
N ASP B 401 -39.39 -60.59 -1.61
CA ASP B 401 -40.81 -60.31 -1.55
C ASP B 401 -41.04 -59.03 -0.79
N LYS B 402 -40.31 -58.86 0.31
CA LYS B 402 -40.42 -57.64 1.11
C LYS B 402 -39.98 -56.48 0.26
N ALA B 403 -38.87 -56.69 -0.45
CA ALA B 403 -38.30 -55.66 -1.31
C ALA B 403 -39.29 -55.21 -2.37
N ILE B 404 -39.82 -56.15 -3.15
CA ILE B 404 -40.77 -55.83 -4.21
C ILE B 404 -42.03 -55.10 -3.76
N THR B 405 -42.55 -55.40 -2.57
CA THR B 405 -43.76 -54.72 -2.12
C THR B 405 -43.44 -53.38 -1.48
N LEU B 406 -42.21 -53.25 -1.00
CA LEU B 406 -41.78 -52.01 -0.37
C LEU B 406 -41.09 -51.06 -1.33
N TRP B 407 -40.48 -51.61 -2.38
CA TRP B 407 -39.77 -50.82 -3.38
C TRP B 407 -40.42 -49.47 -3.68
N PRO B 408 -41.69 -49.48 -4.11
CA PRO B 408 -42.33 -48.19 -4.42
C PRO B 408 -42.20 -47.23 -3.25
N GLN B 409 -42.18 -47.80 -2.05
CA GLN B 409 -42.06 -47.05 -0.83
C GLN B 409 -40.62 -46.58 -0.60
N LEU B 410 -39.67 -47.49 -0.79
CA LEU B 410 -38.24 -47.20 -0.61
C LEU B 410 -37.75 -46.14 -1.60
N GLU B 411 -38.18 -46.29 -2.85
CA GLU B 411 -37.80 -45.36 -3.94
C GLU B 411 -38.27 -43.93 -3.69
N ALA B 412 -39.49 -43.79 -3.18
CA ALA B 412 -40.05 -42.48 -2.88
C ALA B 412 -39.31 -41.87 -1.69
N PHE B 413 -38.83 -42.72 -0.80
CA PHE B 413 -38.09 -42.27 0.38
C PHE B 413 -36.77 -41.66 -0.06
N LEU B 414 -36.08 -42.36 -0.96
CA LEU B 414 -34.78 -41.91 -1.48
C LEU B 414 -34.90 -40.64 -2.28
N GLN B 415 -35.82 -40.62 -3.24
CA GLN B 415 -36.02 -39.45 -4.08
C GLN B 415 -36.52 -38.32 -3.22
N GLN B 416 -36.12 -37.10 -3.56
CA GLN B 416 -36.51 -35.93 -2.80
C GLN B 416 -36.52 -34.71 -3.71
N GLY B 417 -37.64 -33.99 -3.72
CA GLY B 417 -37.74 -32.81 -4.55
C GLY B 417 -36.62 -31.85 -4.21
N ILE B 418 -36.34 -30.93 -5.12
CA ILE B 418 -35.29 -29.95 -4.95
C ILE B 418 -35.67 -28.92 -3.89
N PHE B 419 -36.96 -28.57 -3.86
CA PHE B 419 -37.43 -27.58 -2.89
C PHE B 419 -38.27 -28.20 -1.78
N GLU B 420 -37.90 -29.42 -1.41
CA GLU B 420 -38.54 -30.16 -0.33
C GLU B 420 -37.50 -30.34 0.76
N ARG B 421 -37.69 -29.64 1.87
CA ARG B 421 -36.76 -29.74 2.99
C ARG B 421 -37.09 -30.96 3.84
N ALA B 422 -36.09 -31.76 4.18
CA ALA B 422 -36.33 -32.95 4.99
C ALA B 422 -35.40 -32.98 6.21
N ASP B 423 -35.84 -32.35 7.29
CA ASP B 423 -35.07 -32.32 8.53
C ASP B 423 -34.89 -33.71 9.16
N TRP B 424 -34.09 -33.77 10.20
CA TRP B 424 -33.82 -35.02 10.92
C TRP B 424 -35.13 -35.69 11.33
N GLU B 425 -36.03 -34.91 11.92
CA GLU B 425 -37.32 -35.41 12.38
C GLU B 425 -38.15 -36.06 11.27
N ASP B 426 -38.45 -35.30 10.22
CA ASP B 426 -39.24 -35.81 9.11
C ASP B 426 -38.63 -37.07 8.53
N SER B 427 -37.32 -37.05 8.32
CA SER B 427 -36.59 -38.18 7.76
C SER B 427 -36.82 -39.42 8.61
N LEU B 428 -36.70 -39.27 9.93
CA LEU B 428 -36.91 -40.37 10.86
C LEU B 428 -38.36 -40.84 10.90
N GLN B 429 -39.30 -39.89 10.78
CA GLN B 429 -40.73 -40.25 10.77
C GLN B 429 -40.94 -41.24 9.64
N ALA B 430 -40.56 -40.80 8.43
CA ALA B 430 -40.69 -41.58 7.21
C ALA B 430 -40.08 -42.98 7.27
N LEU B 431 -38.91 -43.08 7.88
CA LEU B 431 -38.26 -44.37 8.00
C LEU B 431 -39.01 -45.21 9.01
N ASP B 432 -39.39 -44.58 10.11
CA ASP B 432 -40.13 -45.23 11.19
C ASP B 432 -41.56 -45.62 10.77
N LEU B 433 -41.86 -45.41 9.49
CA LEU B 433 -43.17 -45.74 8.93
C LEU B 433 -43.04 -46.83 7.87
N ILE B 434 -41.81 -47.00 7.37
CA ILE B 434 -41.58 -48.03 6.38
C ILE B 434 -41.40 -49.38 7.08
N PHE B 435 -40.70 -49.40 8.22
CA PHE B 435 -40.50 -50.66 8.92
C PHE B 435 -40.93 -50.75 10.38
N PRO B 436 -40.08 -50.24 11.29
CA PRO B 436 -40.22 -50.21 12.74
C PRO B 436 -41.58 -50.30 13.39
N THR B 437 -41.59 -50.96 14.54
CA THR B 437 -42.80 -51.10 15.32
C THR B 437 -42.78 -49.87 16.22
N VAL B 438 -43.62 -49.86 17.25
CA VAL B 438 -43.70 -48.72 18.18
C VAL B 438 -42.32 -48.37 18.77
PB ADP C . -23.27 -31.09 -11.99
O1B ADP C . -23.06 -32.43 -11.37
O2B ADP C . -22.89 -29.84 -10.95
O3B ADP C . -22.45 -30.93 -13.21
PA ADP C . -25.96 -29.93 -11.77
O1A ADP C . -26.32 -30.48 -10.36
O2A ADP C . -25.69 -28.61 -11.70
O3A ADP C . -24.76 -30.90 -12.27
O5' ADP C . -27.05 -30.44 -12.87
C5' ADP C . -27.44 -31.79 -12.94
C4' ADP C . -28.74 -31.90 -13.68
O4' ADP C . -29.41 -33.13 -13.29
C3' ADP C . -29.75 -30.78 -13.34
O3' ADP C . -29.74 -29.68 -14.24
C2' ADP C . -31.14 -31.50 -13.39
O2' ADP C . -31.61 -31.55 -14.70
C1' ADP C . -30.78 -32.86 -12.81
N9 ADP C . -30.92 -32.90 -11.22
C8 ADP C . -29.91 -32.82 -10.37
N7 ADP C . -30.38 -32.89 -9.12
C5 ADP C . -31.68 -33.01 -9.16
C6 ADP C . -32.67 -33.13 -8.19
N6 ADP C . -32.38 -33.13 -6.86
N1 ADP C . -33.99 -33.27 -8.53
C2 ADP C . -34.34 -33.27 -9.87
N3 ADP C . -33.38 -33.14 -10.83
C4 ADP C . -32.03 -33.01 -10.50
#